data_7TEV
#
_entry.id   7TEV
#
_cell.length_a   115.827
_cell.length_b   115.827
_cell.length_c   187.412
_cell.angle_alpha   90.000
_cell.angle_beta   90.000
_cell.angle_gamma   120.000
#
_symmetry.space_group_name_H-M   'P 32 2 1'
#
loop_
_entity.id
_entity.type
_entity.pdbx_description
1 polymer 'Ornithine aminotransferase, mitochondrial'
2 non-polymer '(1S,3R,4S)-3-formyl-4-[({3-hydroxy-2-methyl-5-[(phosphonooxy)methyl]pyridin-4-yl}methyl)amino]cyclopentane-1-carboxylic acid'
3 water water
#
_entity_poly.entity_id   1
_entity_poly.type   'polypeptide(L)'
_entity_poly.pdbx_seq_one_letter_code
;GPPTSDDIFEREYKYGAHNYHPLPVALERGKGIYLWDVEGRKYFDFLSSYSAVNQGHCHPKIVNALKSQVDKLTLTSRAF
YNNVLGEYEEYITKLFNYHKVLPMNTGVEAGETACKLARKWGYTVKGIQKYKAKIVFAAGNFWGRTLSAISSSTDPTSYD
GFGPFMPGFDIIPYNDLPALERALQDPNVAAFMVEPIQGEAGVVVPDPGYLMGVRELCTRHQVLFIADEIQTGLARTGRW
LAVDYENVRPDIVLLGKALSGGLYPVSAVLCDDDIMLTIKPGEHGSTYGGNPLGCRVAIAALEVLEEENLAENADKLGII
LRNELMKLPSDVVTAVRGKGLLNAIVIKETKDWDAWKVCLRLRDNGLLAKPTHGDIIRFAPPLVIKEDELRESIEIINKT
ILSF
;
_entity_poly.pdbx_strand_id   A,B,C
#
loop_
_chem_comp.id
_chem_comp.type
_chem_comp.name
_chem_comp.formula
I1T non-polymer '(1S,3R,4S)-3-formyl-4-[({3-hydroxy-2-methyl-5-[(phosphonooxy)methyl]pyridin-4-yl}methyl)amino]cyclopentane-1-carboxylic acid' 'C15 H21 N2 O8 P'
#
# COMPACT_ATOMS: atom_id res chain seq x y z
N PRO A 2 39.14 22.95 -14.97
CA PRO A 2 38.93 21.49 -15.06
C PRO A 2 37.86 20.99 -14.08
N PRO A 3 36.57 20.96 -14.48
CA PRO A 3 35.49 20.58 -13.57
C PRO A 3 35.61 19.19 -12.94
N THR A 4 35.35 19.06 -11.62
CA THR A 4 35.40 17.76 -10.94
C THR A 4 34.09 17.00 -11.14
N SER A 5 34.07 15.75 -10.68
CA SER A 5 32.86 14.92 -10.71
C SER A 5 31.74 15.62 -9.93
N ASP A 6 32.06 16.11 -8.73
CA ASP A 6 31.07 16.83 -7.91
C ASP A 6 30.53 18.11 -8.53
N ASP A 7 31.40 18.86 -9.23
CA ASP A 7 30.99 20.04 -9.98
C ASP A 7 29.95 19.64 -11.03
N ILE A 8 30.23 18.56 -11.77
CA ILE A 8 29.36 18.04 -12.82
C ILE A 8 27.96 17.69 -12.28
N PHE A 9 27.91 17.01 -11.14
CA PHE A 9 26.65 16.61 -10.50
C PHE A 9 25.83 17.85 -10.09
N GLU A 10 26.49 18.79 -9.40
CA GLU A 10 25.83 19.98 -8.85
C GLU A 10 25.28 20.88 -9.97
N ARG A 11 26.05 21.03 -11.06
CA ARG A 11 25.66 21.84 -12.25
C ARG A 11 24.38 21.27 -12.89
N GLU A 12 24.31 19.95 -13.07
CA GLU A 12 23.09 19.30 -13.56
C GLU A 12 21.90 19.49 -12.61
N TYR A 13 22.11 19.33 -11.31
CA TYR A 13 21.08 19.55 -10.25
C TYR A 13 20.47 20.96 -10.43
N LYS A 14 21.32 21.96 -10.69
CA LYS A 14 20.84 23.34 -10.87
C LYS A 14 20.00 23.61 -12.14
N TYR A 15 20.51 23.20 -13.31
CA TYR A 15 20.06 23.66 -14.65
C TYR A 15 19.27 22.60 -15.42
N GLY A 16 19.29 21.34 -14.96
CA GLY A 16 18.60 20.28 -15.64
C GLY A 16 17.44 19.72 -14.86
N ALA A 17 16.48 19.14 -15.59
CA ALA A 17 15.36 18.48 -14.96
C ALA A 17 15.90 17.35 -14.07
N HIS A 18 15.12 17.03 -13.04
CA HIS A 18 15.45 15.99 -12.08
C HIS A 18 14.69 14.70 -12.43
N ASN A 19 14.70 14.33 -13.71
CA ASN A 19 13.95 13.15 -14.17
C ASN A 19 14.75 11.83 -14.02
N TYR A 20 16.03 11.96 -13.64
CA TYR A 20 16.95 10.82 -13.33
C TYR A 20 17.63 11.00 -11.97
N HIS A 21 18.01 9.88 -11.34
CA HIS A 21 18.98 9.83 -10.25
C HIS A 21 20.06 8.86 -10.73
N PRO A 22 21.08 9.34 -11.47
CA PRO A 22 22.12 8.47 -12.01
C PRO A 22 23.11 7.97 -10.95
N LEU A 23 23.85 6.90 -11.27
CA LEU A 23 24.96 6.46 -10.44
C LEU A 23 25.99 7.59 -10.45
N PRO A 24 26.46 8.06 -9.27
CA PRO A 24 27.44 9.14 -9.19
C PRO A 24 28.82 8.80 -9.80
N VAL A 25 28.92 8.90 -11.12
CA VAL A 25 30.16 8.76 -11.86
C VAL A 25 30.03 9.67 -13.09
N ALA A 26 31.07 10.49 -13.33
CA ALA A 26 31.05 11.49 -14.41
C ALA A 26 32.05 11.15 -15.52
N LEU A 27 31.55 10.55 -16.60
CA LEU A 27 32.38 10.05 -17.70
C LEU A 27 32.67 11.13 -18.76
N GLU A 28 33.89 11.08 -19.32
CA GLU A 28 34.27 12.00 -20.41
C GLU A 28 34.84 11.34 -21.66
N ARG A 29 35.22 10.06 -21.56
CA ARG A 29 35.81 9.32 -22.70
C ARG A 29 35.35 7.85 -22.67
N GLY A 30 35.17 7.24 -23.85
CA GLY A 30 34.86 5.83 -23.98
C GLY A 30 35.50 5.25 -25.23
N LYS A 31 36.04 4.03 -25.09
CA LYS A 31 36.65 3.32 -26.19
C LYS A 31 36.51 1.83 -25.92
N GLY A 32 35.85 1.13 -26.86
CA GLY A 32 35.56 -0.30 -26.76
C GLY A 32 34.78 -0.62 -25.50
N ILE A 33 35.35 -1.45 -24.64
CA ILE A 33 34.68 -1.89 -23.40
C ILE A 33 34.84 -0.95 -22.21
N TYR A 34 35.67 0.09 -22.37
CA TYR A 34 36.15 0.94 -21.25
C TYR A 34 35.50 2.34 -21.29
N LEU A 35 35.30 2.91 -20.10
CA LEU A 35 34.93 4.30 -19.91
C LEU A 35 35.92 4.98 -18.94
N TRP A 36 36.18 6.27 -19.16
CA TRP A 36 37.02 7.09 -18.29
C TRP A 36 36.24 8.26 -17.74
N ASP A 37 36.35 8.49 -16.43
CA ASP A 37 35.78 9.68 -15.79
C ASP A 37 36.73 10.87 -15.84
N VAL A 38 36.26 12.04 -15.36
CA VAL A 38 36.98 13.30 -15.45
C VAL A 38 38.26 13.34 -14.58
N GLU A 39 38.32 12.48 -13.56
CA GLU A 39 39.51 12.28 -12.74
C GLU A 39 40.55 11.36 -13.40
N GLY A 40 40.16 10.70 -14.50
CA GLY A 40 41.03 9.79 -15.23
C GLY A 40 40.89 8.31 -14.87
N ARG A 41 39.94 7.98 -13.98
CA ARG A 41 39.67 6.59 -13.52
C ARG A 41 39.11 5.78 -14.70
N LYS A 42 39.53 4.51 -14.83
CA LYS A 42 39.09 3.65 -15.92
C LYS A 42 38.10 2.60 -15.42
N TYR A 43 37.10 2.27 -16.24
CA TYR A 43 35.96 1.39 -15.86
C TYR A 43 35.62 0.42 -17.00
N PHE A 44 35.25 -0.82 -16.65
CA PHE A 44 34.52 -1.68 -17.54
C PHE A 44 33.08 -1.14 -17.61
N ASP A 45 32.56 -0.97 -18.83
CA ASP A 45 31.16 -0.69 -19.03
C ASP A 45 30.41 -2.04 -19.07
N PHE A 46 29.61 -2.30 -18.02
CA PHE A 46 28.74 -3.47 -17.96
C PHE A 46 27.26 -3.14 -18.13
N LEU A 47 26.99 -1.98 -18.73
CA LEU A 47 25.63 -1.59 -19.11
C LEU A 47 25.44 -1.45 -20.61
N SER A 48 26.50 -1.00 -21.31
CA SER A 48 26.51 -0.80 -22.76
C SER A 48 25.35 0.07 -23.23
N SER A 49 24.97 1.06 -22.41
CA SER A 49 23.93 2.02 -22.74
C SER A 49 22.64 1.30 -23.17
N TYR A 50 22.23 0.30 -22.37
CA TYR A 50 21.07 -0.62 -22.57
C TYR A 50 21.13 -1.29 -23.95
N SER A 51 22.33 -1.71 -24.34
CA SER A 51 22.66 -2.35 -25.61
C SER A 51 22.90 -1.44 -26.79
N ALA A 52 22.92 -0.12 -26.59
CA ALA A 52 23.19 0.78 -27.70
C ALA A 52 24.63 0.69 -28.17
N VAL A 53 25.58 0.37 -27.28
CA VAL A 53 26.99 0.23 -27.67
C VAL A 53 27.47 -1.21 -27.64
N ASN A 54 26.72 -2.11 -28.30
CA ASN A 54 27.11 -3.50 -28.51
C ASN A 54 28.49 -3.59 -29.20
N GLN A 55 28.78 -2.63 -30.10
CA GLN A 55 30.01 -2.56 -30.85
C GLN A 55 31.22 -1.99 -30.10
N GLY A 56 31.00 -1.60 -28.84
CA GLY A 56 31.97 -0.88 -28.02
C GLY A 56 31.81 0.61 -28.27
N HIS A 57 32.25 1.42 -27.31
CA HIS A 57 32.22 2.88 -27.45
C HIS A 57 33.10 3.31 -28.61
N CYS A 58 32.58 4.22 -29.43
CA CYS A 58 33.33 4.83 -30.54
C CYS A 58 34.09 3.84 -31.42
N HIS A 59 33.39 2.83 -31.95
CA HIS A 59 33.99 1.85 -32.85
C HIS A 59 34.51 2.57 -34.10
N PRO A 60 35.80 2.43 -34.47
CA PRO A 60 36.40 3.25 -35.53
C PRO A 60 35.72 3.14 -36.90
N LYS A 61 35.22 1.95 -37.26
CA LYS A 61 34.46 1.80 -38.50
C LYS A 61 33.20 2.67 -38.51
N ILE A 62 32.52 2.76 -37.37
CA ILE A 62 31.25 3.48 -37.29
C ILE A 62 31.52 4.99 -37.25
N VAL A 63 32.59 5.37 -36.52
CA VAL A 63 33.07 6.74 -36.46
C VAL A 63 33.51 7.26 -37.83
N ASN A 64 34.22 6.42 -38.58
CA ASN A 64 34.65 6.78 -39.94
C ASN A 64 33.48 7.02 -40.91
N ALA A 65 32.40 6.25 -40.75
CA ALA A 65 31.18 6.43 -41.54
C ALA A 65 30.53 7.79 -41.24
N LEU A 66 30.43 8.11 -39.95
CA LEU A 66 29.90 9.37 -39.47
C LEU A 66 30.73 10.56 -39.95
N LYS A 67 32.07 10.47 -39.79
CA LYS A 67 32.99 11.52 -40.23
C LYS A 67 32.98 11.73 -41.75
N SER A 68 32.92 10.64 -42.51
CA SER A 68 32.86 10.73 -43.97
C SER A 68 31.59 11.45 -44.44
N GLN A 69 30.44 11.02 -43.91
CA GLN A 69 29.13 11.52 -44.38
C GLN A 69 28.77 12.93 -43.92
N VAL A 70 29.26 13.35 -42.75
CA VAL A 70 28.92 14.68 -42.19
C VAL A 70 29.50 15.83 -43.03
N ASP A 71 30.54 15.53 -43.80
CA ASP A 71 31.16 16.48 -44.71
C ASP A 71 30.39 16.56 -46.03
N LYS A 72 29.49 15.60 -46.26
CA LYS A 72 28.74 15.54 -47.50
C LYS A 72 27.34 16.13 -47.34
N LEU A 73 26.54 15.51 -46.47
CA LEU A 73 25.12 15.85 -46.34
C LEU A 73 24.56 15.15 -45.13
N THR A 74 23.78 15.86 -44.32
CA THR A 74 23.29 15.31 -43.06
C THR A 74 21.75 15.19 -42.93
N LEU A 75 21.00 16.07 -43.60
CA LEU A 75 19.56 16.13 -43.45
C LEU A 75 18.91 16.97 -44.53
N THR A 76 18.06 16.34 -45.35
CA THR A 76 17.25 17.04 -46.33
C THR A 76 15.77 17.16 -45.94
N SER A 77 15.36 16.36 -44.95
CA SER A 77 13.96 16.03 -44.65
C SER A 77 13.48 15.12 -45.75
N ARG A 78 12.33 14.48 -45.53
CA ARG A 78 11.71 13.50 -46.45
C ARG A 78 10.87 14.21 -47.52
N ALA A 79 10.86 15.55 -47.52
CA ALA A 79 10.31 16.32 -48.62
C ALA A 79 11.02 16.02 -49.95
N PHE A 80 12.30 15.61 -49.86
CA PHE A 80 13.13 15.22 -51.00
C PHE A 80 13.76 13.86 -50.72
N TYR A 81 14.41 13.28 -51.73
CA TYR A 81 15.23 12.04 -51.60
C TYR A 81 16.68 12.39 -51.27
N ASN A 82 17.31 11.57 -50.42
CA ASN A 82 18.76 11.53 -50.30
C ASN A 82 19.21 10.20 -50.93
N ASN A 83 20.51 10.07 -51.21
CA ASN A 83 21.03 8.89 -51.93
C ASN A 83 21.36 7.68 -51.05
N VAL A 84 21.44 7.89 -49.73
CA VAL A 84 21.86 6.86 -48.79
C VAL A 84 20.72 5.94 -48.33
N LEU A 85 19.55 6.53 -48.05
CA LEU A 85 18.44 5.82 -47.43
C LEU A 85 18.08 4.51 -48.11
N GLY A 86 17.93 4.53 -49.44
CA GLY A 86 17.60 3.36 -50.23
C GLY A 86 18.64 2.24 -50.13
N GLU A 87 19.92 2.63 -50.09
CA GLU A 87 21.02 1.68 -49.90
C GLU A 87 20.89 0.98 -48.55
N TYR A 88 20.62 1.75 -47.49
CA TYR A 88 20.38 1.24 -46.12
C TYR A 88 19.14 0.33 -46.10
N GLU A 89 18.03 0.77 -46.71
CA GLU A 89 16.79 0.02 -46.73
C GLU A 89 16.95 -1.38 -47.37
N GLU A 90 17.61 -1.41 -48.54
CA GLU A 90 17.89 -2.67 -49.23
C GLU A 90 18.71 -3.62 -48.37
N TYR A 91 19.74 -3.07 -47.71
CA TYR A 91 20.69 -3.83 -46.87
C TYR A 91 19.94 -4.46 -45.68
N ILE A 92 19.25 -3.65 -44.88
CA ILE A 92 18.57 -4.16 -43.67
C ILE A 92 17.40 -5.15 -43.96
N THR A 93 16.64 -4.90 -45.02
CA THR A 93 15.51 -5.73 -45.39
C THR A 93 15.99 -7.11 -45.84
N LYS A 94 17.04 -7.13 -46.67
CA LYS A 94 17.69 -8.38 -47.10
C LYS A 94 18.32 -9.15 -45.94
N LEU A 95 18.95 -8.44 -44.99
CA LEU A 95 19.56 -9.06 -43.81
C LEU A 95 18.56 -9.79 -42.91
N PHE A 96 17.43 -9.14 -42.62
CA PHE A 96 16.39 -9.70 -41.73
C PHE A 96 15.25 -10.43 -42.44
N ASN A 97 15.27 -10.38 -43.78
CA ASN A 97 14.30 -11.04 -44.64
C ASN A 97 12.85 -10.60 -44.40
N TYR A 98 12.61 -9.30 -44.52
CA TYR A 98 11.27 -8.67 -44.61
C TYR A 98 11.25 -7.81 -45.88
N HIS A 99 10.07 -7.55 -46.43
CA HIS A 99 9.95 -6.76 -47.66
C HIS A 99 10.47 -5.36 -47.48
N LYS A 100 10.12 -4.75 -46.34
CA LYS A 100 10.30 -3.32 -46.18
C LYS A 100 10.74 -2.85 -44.78
N VAL A 101 11.37 -1.67 -44.76
CA VAL A 101 11.68 -1.03 -43.50
C VAL A 101 11.08 0.39 -43.49
N LEU A 102 10.62 0.81 -42.31
CA LEU A 102 10.21 2.19 -42.08
C LEU A 102 11.20 2.75 -41.06
N PRO A 103 11.99 3.80 -41.44
CA PRO A 103 12.99 4.37 -40.55
C PRO A 103 12.45 5.45 -39.61
N MET A 104 12.88 5.38 -38.35
CA MET A 104 12.59 6.37 -37.33
C MET A 104 13.88 6.61 -36.54
N ASN A 105 13.80 7.37 -35.43
CA ASN A 105 14.97 7.79 -34.67
C ASN A 105 15.12 7.07 -33.33
N THR A 106 14.07 7.12 -32.49
CA THR A 106 14.15 6.56 -31.14
C THR A 106 13.32 5.30 -31.04
N GLY A 107 13.62 4.50 -30.02
CA GLY A 107 12.95 3.23 -29.81
C GLY A 107 11.45 3.41 -29.66
N VAL A 108 11.05 4.43 -28.89
CA VAL A 108 9.62 4.66 -28.67
C VAL A 108 8.90 5.04 -29.95
N GLU A 109 9.58 5.76 -30.84
CA GLU A 109 9.02 6.07 -32.14
C GLU A 109 8.78 4.79 -32.98
N ALA A 110 9.70 3.82 -32.92
CA ALA A 110 9.51 2.54 -33.60
C ALA A 110 8.26 1.82 -33.04
N GLY A 111 8.12 1.82 -31.71
CA GLY A 111 6.93 1.29 -31.04
C GLY A 111 5.60 1.96 -31.42
N GLU A 112 5.58 3.30 -31.43
CA GLU A 112 4.42 4.10 -31.87
C GLU A 112 4.03 3.75 -33.35
N THR A 113 5.04 3.60 -34.21
CA THR A 113 4.89 3.22 -35.61
C THR A 113 4.25 1.82 -35.72
N ALA A 114 4.72 0.88 -34.93
CA ALA A 114 4.17 -0.50 -34.91
C ALA A 114 2.69 -0.48 -34.46
N CYS A 115 2.38 0.30 -33.43
CA CYS A 115 1.00 0.47 -32.98
C CYS A 115 0.11 1.06 -34.07
N LYS A 116 0.65 2.03 -34.81
CA LYS A 116 -0.08 2.66 -35.91
C LYS A 116 -0.36 1.70 -37.07
N LEU A 117 0.65 0.92 -37.44
CA LEU A 117 0.54 -0.13 -38.45
C LEU A 117 -0.48 -1.17 -38.07
N ALA A 118 -0.43 -1.62 -36.80
CA ALA A 118 -1.32 -2.64 -36.29
C ALA A 118 -2.78 -2.22 -36.38
N ARG A 119 -3.05 -0.99 -35.97
CA ARG A 119 -4.41 -0.38 -36.02
C ARG A 119 -4.86 -0.23 -37.48
N LYS A 120 -4.03 0.37 -38.34
CA LYS A 120 -4.38 0.61 -39.71
C LYS A 120 -4.64 -0.75 -40.45
N TRP A 121 -3.78 -1.73 -40.18
CA TRP A 121 -3.99 -3.12 -40.68
C TRP A 121 -5.28 -3.74 -40.11
N GLY A 122 -5.47 -3.58 -38.78
CA GLY A 122 -6.72 -3.96 -38.15
C GLY A 122 -7.98 -3.49 -38.86
N TYR A 123 -8.03 -2.18 -39.15
CA TYR A 123 -9.25 -1.58 -39.76
C TYR A 123 -9.33 -1.92 -41.26
N THR A 124 -8.22 -1.83 -41.99
CA THR A 124 -8.25 -1.94 -43.44
C THR A 124 -8.21 -3.37 -43.98
N VAL A 125 -7.56 -4.29 -43.25
CA VAL A 125 -7.40 -5.69 -43.68
C VAL A 125 -8.26 -6.63 -42.87
N LYS A 126 -8.13 -6.59 -41.54
CA LYS A 126 -8.88 -7.50 -40.69
C LYS A 126 -10.40 -7.16 -40.70
N GLY A 127 -10.72 -5.88 -40.84
CA GLY A 127 -12.10 -5.43 -40.98
C GLY A 127 -12.74 -5.00 -39.67
N ILE A 128 -11.90 -4.65 -38.68
CA ILE A 128 -12.36 -4.17 -37.39
C ILE A 128 -13.04 -2.83 -37.64
N GLN A 129 -14.17 -2.60 -36.97
CA GLN A 129 -14.89 -1.35 -37.03
C GLN A 129 -14.05 -0.21 -36.46
N LYS A 130 -14.04 0.93 -37.15
CA LYS A 130 -13.22 2.06 -36.74
C LYS A 130 -13.32 2.52 -35.34
N TYR A 131 -12.14 2.32 -34.74
CA TYR A 131 -11.54 2.70 -33.47
C TYR A 131 -11.99 1.70 -32.40
N LYS A 132 -12.38 0.48 -32.80
CA LYS A 132 -12.48 -0.66 -31.87
C LYS A 132 -11.24 -1.51 -31.71
N ALA A 133 -10.16 -1.18 -32.43
CA ALA A 133 -8.96 -2.01 -32.47
C ALA A 133 -8.21 -1.99 -31.14
N LYS A 134 -7.85 -3.19 -30.69
CA LYS A 134 -7.12 -3.37 -29.44
C LYS A 134 -5.72 -3.91 -29.73
N ILE A 135 -4.75 -3.45 -28.94
CA ILE A 135 -3.41 -4.02 -28.90
C ILE A 135 -3.18 -4.59 -27.50
N VAL A 136 -2.66 -5.82 -27.45
CA VAL A 136 -2.34 -6.49 -26.19
C VAL A 136 -0.84 -6.39 -25.91
N PHE A 137 -0.53 -6.21 -24.63
CA PHE A 137 0.83 -6.04 -24.14
C PHE A 137 1.03 -7.01 -22.93
N ALA A 138 2.31 -7.30 -22.62
CA ALA A 138 2.69 -8.07 -21.49
C ALA A 138 3.06 -7.17 -20.30
N ALA A 139 2.57 -7.55 -19.13
CA ALA A 139 2.95 -6.93 -17.87
C ALA A 139 4.49 -6.99 -17.71
N GLY A 140 5.04 -5.88 -17.22
CA GLY A 140 6.49 -5.69 -17.13
C GLY A 140 7.13 -5.06 -18.36
N ASN A 141 6.36 -4.86 -19.43
CA ASN A 141 6.81 -4.26 -20.67
C ASN A 141 7.37 -2.84 -20.48
N PHE A 142 8.41 -2.54 -21.26
CA PHE A 142 8.92 -1.21 -21.34
C PHE A 142 9.27 -0.93 -22.78
N TRP A 143 8.63 0.08 -23.36
CA TRP A 143 8.93 0.51 -24.72
C TRP A 143 9.08 2.00 -24.92
N GLY A 144 9.27 2.72 -23.81
CA GLY A 144 9.45 4.15 -23.84
C GLY A 144 8.51 4.94 -22.97
N ARG A 145 8.47 6.24 -23.26
CA ARG A 145 8.02 7.25 -22.28
C ARG A 145 6.95 8.17 -22.87
N THR A 146 6.45 7.92 -24.06
CA THR A 146 5.35 8.70 -24.65
C THR A 146 4.09 8.39 -23.85
N LEU A 147 3.04 9.19 -24.09
CA LEU A 147 1.78 8.99 -23.41
C LEU A 147 1.22 7.62 -23.75
N SER A 148 1.35 7.19 -25.03
CA SER A 148 0.98 5.83 -25.43
C SER A 148 1.75 4.74 -24.71
N ALA A 149 3.07 4.88 -24.68
CA ALA A 149 3.91 3.88 -24.14
C ALA A 149 3.68 3.65 -22.66
N ILE A 150 3.51 4.72 -21.87
CA ILE A 150 3.22 4.58 -20.46
C ILE A 150 1.81 4.04 -20.21
N SER A 151 0.92 4.16 -21.20
CA SER A 151 -0.43 3.67 -21.09
C SER A 151 -0.49 2.13 -21.04
N SER A 152 0.54 1.45 -21.53
CA SER A 152 0.61 -0.02 -21.52
C SER A 152 1.45 -0.57 -20.35
N SER A 153 2.06 0.34 -19.58
CA SER A 153 2.96 -0.03 -18.51
C SER A 153 2.19 -0.44 -17.27
N THR A 154 2.72 -1.43 -16.55
CA THR A 154 2.24 -1.77 -15.22
C THR A 154 3.17 -1.22 -14.12
N ASP A 155 4.11 -0.36 -14.51
CA ASP A 155 5.02 0.30 -13.56
C ASP A 155 4.45 1.66 -13.13
N PRO A 156 3.96 1.83 -11.88
CA PRO A 156 3.39 3.11 -11.45
C PRO A 156 4.33 4.31 -11.63
N THR A 157 5.66 4.10 -11.56
CA THR A 157 6.58 5.21 -11.79
C THR A 157 6.46 5.78 -13.23
N SER A 158 6.16 4.91 -14.21
CA SER A 158 5.89 5.29 -15.58
C SER A 158 4.61 6.09 -15.80
N TYR A 159 3.49 5.66 -15.20
CA TYR A 159 2.12 6.14 -15.57
C TYR A 159 1.53 7.08 -14.53
N ASP A 160 1.84 6.93 -13.24
CA ASP A 160 1.17 7.70 -12.19
C ASP A 160 1.42 9.23 -12.36
N GLY A 161 0.32 10.00 -12.36
CA GLY A 161 0.37 11.43 -12.52
C GLY A 161 0.35 11.91 -13.99
N PHE A 162 0.21 10.98 -14.94
CA PHE A 162 0.41 11.26 -16.37
C PHE A 162 -0.85 11.14 -17.28
N GLY A 163 -2.05 11.24 -16.70
CA GLY A 163 -3.13 12.27 -17.24
C GLY A 163 -3.93 11.09 -17.70
N PRO A 164 -5.06 11.22 -18.42
CA PRO A 164 -5.79 10.03 -18.81
C PRO A 164 -5.03 9.24 -19.89
N PHE A 165 -5.30 7.95 -19.96
CA PHE A 165 -4.49 7.01 -20.73
C PHE A 165 -5.11 6.65 -22.11
N MET A 166 -4.26 6.22 -23.03
CA MET A 166 -4.66 5.73 -24.36
C MET A 166 -5.62 4.55 -24.22
N PRO A 167 -6.84 4.61 -24.78
CA PRO A 167 -7.75 3.45 -24.76
C PRO A 167 -7.24 2.36 -25.71
N GLY A 168 -7.77 1.14 -25.59
CA GLY A 168 -7.45 0.07 -26.56
C GLY A 168 -6.17 -0.70 -26.31
N PHE A 169 -5.59 -0.54 -25.13
CA PHE A 169 -4.35 -1.21 -24.75
C PHE A 169 -4.72 -2.12 -23.61
N ASP A 170 -4.55 -3.42 -23.82
CA ASP A 170 -4.88 -4.40 -22.80
C ASP A 170 -3.57 -5.08 -22.40
N ILE A 171 -3.54 -5.53 -21.15
CA ILE A 171 -2.37 -6.08 -20.50
C ILE A 171 -2.69 -7.51 -20.00
N ILE A 172 -1.78 -8.45 -20.30
CA ILE A 172 -1.78 -9.82 -19.79
C ILE A 172 -0.42 -10.11 -19.13
N PRO A 173 -0.32 -11.14 -18.27
CA PRO A 173 0.96 -11.58 -17.72
C PRO A 173 1.93 -12.00 -18.83
N TYR A 174 3.20 -11.71 -18.62
CA TYR A 174 4.33 -12.19 -19.45
C TYR A 174 4.47 -13.70 -19.31
N ASN A 175 5.01 -14.36 -20.35
CA ASN A 175 5.36 -15.77 -20.28
C ASN A 175 4.15 -16.63 -19.89
N ASP A 176 2.99 -16.30 -20.49
CA ASP A 176 1.72 -16.91 -20.16
C ASP A 176 0.87 -17.17 -21.40
N LEU A 177 1.04 -18.36 -21.96
CA LEU A 177 0.31 -18.73 -23.18
C LEU A 177 -1.19 -18.89 -22.97
N PRO A 178 -1.68 -19.54 -21.90
CA PRO A 178 -3.13 -19.56 -21.62
C PRO A 178 -3.77 -18.16 -21.56
N ALA A 179 -3.05 -17.17 -21.01
CA ALA A 179 -3.55 -15.79 -20.94
C ALA A 179 -3.65 -15.13 -22.30
N LEU A 180 -2.66 -15.37 -23.17
CA LEU A 180 -2.67 -14.87 -24.52
C LEU A 180 -3.82 -15.48 -25.30
N GLU A 181 -3.95 -16.80 -25.21
CA GLU A 181 -5.04 -17.53 -25.84
C GLU A 181 -6.39 -16.92 -25.43
N ARG A 182 -6.57 -16.63 -24.15
CA ARG A 182 -7.84 -16.05 -23.64
C ARG A 182 -8.05 -14.67 -24.28
N ALA A 183 -7.00 -13.83 -24.33
CA ALA A 183 -7.06 -12.42 -24.77
C ALA A 183 -7.42 -12.33 -26.25
N LEU A 184 -6.86 -13.25 -27.04
CA LEU A 184 -7.07 -13.32 -28.46
C LEU A 184 -8.43 -13.86 -28.92
N GLN A 185 -9.32 -14.22 -27.99
CA GLN A 185 -10.69 -14.58 -28.37
C GLN A 185 -11.47 -13.36 -28.94
N ASP A 186 -11.04 -12.14 -28.62
CA ASP A 186 -11.74 -10.93 -29.02
C ASP A 186 -11.32 -10.59 -30.45
N PRO A 187 -12.22 -10.69 -31.45
CA PRO A 187 -11.87 -10.38 -32.85
C PRO A 187 -11.43 -8.92 -33.08
N ASN A 188 -11.60 -8.05 -32.10
CA ASN A 188 -11.10 -6.66 -32.19
C ASN A 188 -9.61 -6.48 -31.80
N VAL A 189 -8.95 -7.56 -31.36
CA VAL A 189 -7.50 -7.52 -31.19
C VAL A 189 -6.81 -7.53 -32.54
N ALA A 190 -6.04 -6.47 -32.80
CA ALA A 190 -5.20 -6.34 -33.98
C ALA A 190 -3.80 -6.94 -33.81
N ALA A 191 -3.22 -6.85 -32.62
CA ALA A 191 -1.84 -7.24 -32.35
C ALA A 191 -1.51 -7.51 -30.88
N PHE A 192 -0.40 -8.22 -30.68
CA PHE A 192 0.30 -8.45 -29.43
C PHE A 192 1.75 -8.01 -29.62
N MET A 193 2.17 -7.10 -28.73
CA MET A 193 3.53 -6.58 -28.70
C MET A 193 4.20 -7.18 -27.47
N VAL A 194 5.40 -7.73 -27.66
CA VAL A 194 6.11 -8.42 -26.63
C VAL A 194 7.62 -8.41 -26.86
N GLU A 195 8.38 -8.30 -25.76
CA GLU A 195 9.83 -8.34 -25.78
C GLU A 195 10.23 -9.81 -25.63
N PRO A 196 11.15 -10.37 -26.45
CA PRO A 196 11.57 -11.76 -26.30
C PRO A 196 12.24 -12.10 -24.95
N ILE A 197 12.90 -11.10 -24.34
CA ILE A 197 13.35 -11.10 -22.96
C ILE A 197 13.03 -9.67 -22.54
N GLN A 198 12.42 -9.50 -21.37
CA GLN A 198 12.13 -8.16 -20.85
C GLN A 198 13.36 -7.57 -20.18
N GLY A 199 13.88 -6.49 -20.76
CA GLY A 199 15.10 -5.86 -20.34
C GLY A 199 14.90 -5.10 -19.05
N GLU A 200 14.10 -4.03 -19.12
CA GLU A 200 13.90 -3.10 -18.01
C GLU A 200 13.22 -3.76 -16.80
N ALA A 201 12.39 -4.79 -17.05
CA ALA A 201 11.76 -5.57 -15.99
C ALA A 201 12.76 -6.38 -15.15
N GLY A 202 14.00 -6.52 -15.67
CA GLY A 202 15.09 -7.16 -14.97
C GLY A 202 15.55 -8.45 -15.62
N VAL A 203 15.72 -8.41 -16.96
CA VAL A 203 16.17 -9.53 -17.78
C VAL A 203 15.32 -10.79 -17.48
N VAL A 204 14.01 -10.64 -17.67
CA VAL A 204 13.02 -11.68 -17.44
C VAL A 204 12.98 -12.53 -18.69
N VAL A 205 13.52 -13.75 -18.57
CA VAL A 205 13.61 -14.72 -19.65
C VAL A 205 12.38 -15.64 -19.59
N PRO A 206 11.55 -15.72 -20.64
CA PRO A 206 10.38 -16.59 -20.62
C PRO A 206 10.79 -18.05 -20.79
N ASP A 207 9.84 -18.96 -20.56
CA ASP A 207 10.04 -20.39 -20.61
C ASP A 207 10.32 -20.82 -22.05
N PRO A 208 11.11 -21.90 -22.27
CA PRO A 208 11.28 -22.45 -23.61
C PRO A 208 9.91 -22.75 -24.23
N GLY A 209 9.73 -22.44 -25.52
CA GLY A 209 8.47 -22.64 -26.22
C GLY A 209 7.54 -21.44 -26.19
N TYR A 210 7.84 -20.41 -25.37
CA TYR A 210 6.95 -19.24 -25.21
C TYR A 210 6.81 -18.54 -26.57
N LEU A 211 7.93 -18.29 -27.26
CA LEU A 211 7.93 -17.54 -28.51
C LEU A 211 7.23 -18.31 -29.64
N MET A 212 7.45 -19.62 -29.73
CA MET A 212 6.74 -20.41 -30.74
C MET A 212 5.24 -20.47 -30.44
N GLY A 213 4.88 -20.57 -29.16
CA GLY A 213 3.48 -20.51 -28.72
C GLY A 213 2.78 -19.19 -29.04
N VAL A 214 3.49 -18.07 -28.86
CA VAL A 214 3.00 -16.77 -29.21
C VAL A 214 2.75 -16.74 -30.73
N ARG A 215 3.72 -17.21 -31.53
CA ARG A 215 3.62 -17.22 -33.02
C ARG A 215 2.39 -18.04 -33.45
N GLU A 216 2.19 -19.21 -32.82
CA GLU A 216 1.12 -20.13 -33.18
C GLU A 216 -0.24 -19.52 -32.91
N LEU A 217 -0.38 -18.91 -31.74
CA LEU A 217 -1.65 -18.26 -31.32
C LEU A 217 -2.03 -17.04 -32.14
N CYS A 218 -1.03 -16.20 -32.46
CA CYS A 218 -1.21 -15.01 -33.29
C CYS A 218 -1.69 -15.39 -34.71
N THR A 219 -1.06 -16.39 -35.33
CA THR A 219 -1.43 -16.87 -36.64
C THR A 219 -2.87 -17.45 -36.61
N ARG A 220 -3.16 -18.30 -35.63
CA ARG A 220 -4.47 -18.97 -35.46
C ARG A 220 -5.59 -17.91 -35.37
N HIS A 221 -5.39 -16.86 -34.56
CA HIS A 221 -6.44 -15.85 -34.32
C HIS A 221 -6.38 -14.58 -35.17
N GLN A 222 -5.53 -14.58 -36.21
CA GLN A 222 -5.37 -13.49 -37.21
C GLN A 222 -4.99 -12.16 -36.49
N VAL A 223 -3.90 -12.23 -35.72
CA VAL A 223 -3.41 -11.15 -34.87
C VAL A 223 -1.93 -11.00 -35.23
N LEU A 224 -1.46 -9.75 -35.30
CA LEU A 224 -0.03 -9.47 -35.56
C LEU A 224 0.83 -9.68 -34.31
N PHE A 225 1.93 -10.40 -34.51
CA PHE A 225 2.99 -10.58 -33.52
C PHE A 225 4.09 -9.52 -33.75
N ILE A 226 4.14 -8.54 -32.85
CA ILE A 226 5.11 -7.47 -32.82
C ILE A 226 6.17 -7.86 -31.78
N ALA A 227 7.37 -8.13 -32.26
CA ALA A 227 8.52 -8.38 -31.41
C ALA A 227 9.34 -7.12 -31.24
N ASP A 228 9.42 -6.63 -30.01
CA ASP A 228 10.28 -5.53 -29.66
C ASP A 228 11.70 -6.05 -29.36
N GLU A 229 12.61 -5.92 -30.34
CA GLU A 229 14.00 -6.36 -30.23
C GLU A 229 14.95 -5.16 -30.17
N ILE A 230 14.43 -4.07 -29.60
CA ILE A 230 15.18 -2.84 -29.49
C ILE A 230 16.41 -3.01 -28.62
N GLN A 231 16.29 -3.82 -27.56
CA GLN A 231 17.36 -4.17 -26.66
C GLN A 231 17.93 -5.57 -26.91
N THR A 232 17.07 -6.52 -27.27
CA THR A 232 17.48 -7.89 -27.45
C THR A 232 18.11 -8.24 -28.79
N GLY A 233 17.84 -7.42 -29.80
CA GLY A 233 18.30 -7.65 -31.16
C GLY A 233 19.77 -7.36 -31.35
N LEU A 234 20.24 -7.59 -32.59
CA LEU A 234 21.58 -7.19 -32.98
C LEU A 234 22.65 -7.81 -32.05
N ALA A 235 22.60 -9.14 -31.94
CA ALA A 235 23.66 -9.98 -31.39
C ALA A 235 23.79 -10.07 -29.86
N ARG A 236 23.10 -9.18 -29.13
CA ARG A 236 23.21 -9.06 -27.64
C ARG A 236 22.93 -10.41 -26.97
N THR A 237 21.91 -11.16 -27.40
CA THR A 237 21.56 -12.44 -26.77
C THR A 237 22.28 -13.65 -27.38
N GLY A 238 23.10 -13.40 -28.43
CA GLY A 238 23.85 -14.42 -29.13
C GLY A 238 23.29 -14.89 -30.46
N ARG A 239 22.24 -14.22 -30.94
CA ARG A 239 21.71 -14.38 -32.33
C ARG A 239 21.42 -13.00 -32.92
N TRP A 240 21.22 -12.92 -34.24
CA TRP A 240 20.80 -11.67 -34.87
C TRP A 240 19.56 -11.07 -34.16
N LEU A 241 18.58 -11.93 -33.90
CA LEU A 241 17.38 -11.61 -33.12
C LEU A 241 17.18 -12.70 -32.06
N ALA A 242 16.72 -12.28 -30.88
CA ALA A 242 16.41 -13.18 -29.78
C ALA A 242 15.35 -14.22 -30.18
N VAL A 243 14.40 -13.82 -31.04
CA VAL A 243 13.41 -14.77 -31.57
C VAL A 243 14.04 -15.92 -32.43
N ASP A 244 15.28 -15.73 -32.90
CA ASP A 244 16.01 -16.78 -33.69
C ASP A 244 16.24 -18.08 -32.89
N TYR A 245 16.34 -17.97 -31.56
CA TYR A 245 16.52 -19.13 -30.64
C TYR A 245 15.40 -20.16 -30.84
N GLU A 246 14.19 -19.71 -31.23
CA GLU A 246 13.10 -20.62 -31.49
C GLU A 246 12.62 -20.63 -32.93
N ASN A 247 13.43 -20.07 -33.85
CA ASN A 247 13.15 -19.98 -35.28
C ASN A 247 11.78 -19.39 -35.59
N VAL A 248 11.46 -18.29 -34.91
CA VAL A 248 10.15 -17.69 -34.95
C VAL A 248 10.26 -16.44 -35.81
N ARG A 249 9.31 -16.25 -36.72
CA ARG A 249 9.24 -15.05 -37.60
C ARG A 249 8.07 -14.16 -37.15
N PRO A 250 8.32 -13.05 -36.42
CA PRO A 250 7.26 -12.11 -36.08
C PRO A 250 6.70 -11.40 -37.32
N ASP A 251 5.49 -10.86 -37.23
CA ASP A 251 4.89 -10.02 -38.28
C ASP A 251 5.62 -8.66 -38.40
N ILE A 252 5.97 -8.08 -37.26
CA ILE A 252 6.66 -6.79 -37.17
C ILE A 252 7.85 -6.93 -36.21
N VAL A 253 9.04 -6.49 -36.63
CA VAL A 253 10.22 -6.49 -35.80
C VAL A 253 10.65 -5.04 -35.57
N LEU A 254 10.83 -4.67 -34.30
CA LEU A 254 11.39 -3.39 -33.90
C LEU A 254 12.87 -3.51 -33.55
N LEU A 255 13.69 -2.61 -34.11
CA LEU A 255 15.13 -2.54 -33.83
C LEU A 255 15.48 -1.10 -33.48
N GLY A 256 16.50 -0.92 -32.66
CA GLY A 256 17.00 0.41 -32.32
C GLY A 256 18.35 0.24 -31.66
N LYS A 257 18.69 1.17 -30.76
CA LYS A 257 19.89 1.10 -29.92
C LYS A 257 21.16 0.84 -30.69
N ALA A 258 21.64 -0.42 -30.66
CA ALA A 258 22.90 -0.81 -31.31
C ALA A 258 22.88 -0.69 -32.83
N LEU A 259 21.69 -0.46 -33.40
CA LEU A 259 21.53 -0.15 -34.80
C LEU A 259 22.46 1.00 -35.29
N SER A 260 22.93 1.87 -34.36
CA SER A 260 23.89 2.93 -34.66
C SER A 260 25.24 2.83 -33.94
N GLY A 261 25.44 1.78 -33.13
CA GLY A 261 26.60 1.73 -32.25
C GLY A 261 26.70 2.90 -31.24
N GLY A 262 25.56 3.52 -30.93
CA GLY A 262 25.48 4.65 -30.00
C GLY A 262 25.90 6.00 -30.56
N LEU A 263 26.13 6.05 -31.88
CA LEU A 263 26.62 7.28 -32.49
C LEU A 263 25.51 8.24 -32.94
N TYR A 264 24.27 7.73 -33.03
CA TYR A 264 23.13 8.43 -33.66
C TYR A 264 21.83 7.73 -33.30
N PRO A 265 20.72 8.44 -32.91
CA PRO A 265 19.45 7.79 -32.65
C PRO A 265 18.84 7.30 -33.97
N VAL A 266 18.98 5.99 -34.23
CA VAL A 266 18.36 5.32 -35.35
C VAL A 266 17.49 4.17 -34.85
N SER A 267 16.28 4.06 -35.41
CA SER A 267 15.40 2.91 -35.12
C SER A 267 14.69 2.49 -36.39
N ALA A 268 14.14 1.26 -36.40
CA ALA A 268 13.61 0.66 -37.61
C ALA A 268 12.42 -0.22 -37.31
N VAL A 269 11.45 -0.23 -38.22
CA VAL A 269 10.29 -1.08 -38.13
C VAL A 269 10.28 -1.94 -39.37
N LEU A 270 10.42 -3.26 -39.19
CA LEU A 270 10.41 -4.21 -40.31
C LEU A 270 9.11 -4.99 -40.37
N CYS A 271 8.54 -5.09 -41.58
CA CYS A 271 7.43 -6.00 -41.91
C CYS A 271 7.24 -6.13 -43.41
N ASP A 272 6.39 -7.10 -43.80
CA ASP A 272 6.09 -7.37 -45.19
C ASP A 272 5.09 -6.38 -45.75
N ASP A 273 4.92 -6.40 -47.08
CA ASP A 273 4.10 -5.43 -47.82
C ASP A 273 2.64 -5.38 -47.35
N ASP A 274 2.04 -6.55 -47.07
CA ASP A 274 0.62 -6.61 -46.69
C ASP A 274 0.29 -5.81 -45.41
N ILE A 275 1.30 -5.65 -44.56
CA ILE A 275 1.18 -4.81 -43.36
C ILE A 275 1.73 -3.40 -43.68
N MET A 276 2.95 -3.32 -44.21
CA MET A 276 3.62 -2.03 -44.34
C MET A 276 2.84 -1.02 -45.16
N LEU A 277 2.24 -1.48 -46.27
CA LEU A 277 1.62 -0.61 -47.23
C LEU A 277 0.19 -0.16 -46.85
N THR A 278 -0.27 -0.52 -45.64
CA THR A 278 -1.53 0.02 -45.12
C THR A 278 -1.40 1.53 -44.83
N ILE A 279 -0.18 1.99 -44.60
CA ILE A 279 0.12 3.41 -44.41
C ILE A 279 0.50 4.05 -45.78
N LYS A 280 -0.31 5.02 -46.20
CA LYS A 280 -0.17 5.70 -47.48
C LYS A 280 0.75 6.92 -47.37
N PRO A 281 1.19 7.49 -48.50
CA PRO A 281 1.99 8.73 -48.46
C PRO A 281 1.29 9.85 -47.69
N GLY A 282 2.02 10.56 -46.83
CA GLY A 282 1.47 11.67 -46.07
C GLY A 282 0.88 11.30 -44.71
N GLU A 283 0.85 10.01 -44.38
CA GLU A 283 0.18 9.49 -43.18
C GLU A 283 1.08 9.11 -41.99
N HIS A 284 2.39 9.17 -42.18
CA HIS A 284 3.34 8.88 -41.11
C HIS A 284 4.75 9.30 -41.45
N GLY A 285 5.51 9.66 -40.43
CA GLY A 285 6.87 10.10 -40.63
C GLY A 285 7.49 10.73 -39.41
N SER A 286 8.50 11.56 -39.67
CA SER A 286 9.47 12.05 -38.71
C SER A 286 10.42 12.96 -39.50
N THR A 287 10.77 14.10 -38.90
CA THR A 287 11.72 15.01 -39.51
C THR A 287 13.07 14.32 -39.85
N TYR A 288 13.67 13.64 -38.85
CA TYR A 288 15.04 13.07 -38.91
C TYR A 288 15.02 11.61 -39.39
N GLY A 289 13.84 10.98 -39.48
CA GLY A 289 13.76 9.58 -39.85
C GLY A 289 14.27 9.36 -41.25
N GLY A 290 15.29 8.51 -41.36
CA GLY A 290 15.90 8.13 -42.62
C GLY A 290 16.89 9.12 -43.20
N ASN A 291 17.37 10.05 -42.37
CA ASN A 291 18.34 11.05 -42.79
C ASN A 291 19.65 10.37 -43.23
N PRO A 292 20.44 10.95 -44.16
CA PRO A 292 21.61 10.26 -44.71
C PRO A 292 22.72 9.96 -43.70
N LEU A 293 22.87 10.78 -42.64
CA LEU A 293 23.93 10.55 -41.66
C LEU A 293 23.66 9.32 -40.79
N GLY A 294 22.47 9.23 -40.21
CA GLY A 294 22.00 8.06 -39.49
C GLY A 294 22.11 6.77 -40.30
N CYS A 295 21.72 6.83 -41.58
CA CYS A 295 21.79 5.69 -42.49
C CYS A 295 23.20 5.16 -42.72
N ARG A 296 24.17 6.07 -42.96
CA ARG A 296 25.60 5.71 -43.13
C ARG A 296 26.09 5.03 -41.86
N VAL A 297 25.73 5.59 -40.69
CA VAL A 297 26.12 5.04 -39.39
C VAL A 297 25.54 3.64 -39.19
N ALA A 298 24.24 3.50 -39.49
CA ALA A 298 23.52 2.24 -39.34
C ALA A 298 24.09 1.11 -40.19
N ILE A 299 24.38 1.39 -41.46
CA ILE A 299 25.05 0.42 -42.34
C ILE A 299 26.36 -0.09 -41.69
N ALA A 300 27.20 0.86 -41.26
CA ALA A 300 28.50 0.54 -40.67
C ALA A 300 28.34 -0.28 -39.38
N ALA A 301 27.36 0.11 -38.55
CA ALA A 301 27.02 -0.59 -37.29
C ALA A 301 26.61 -2.05 -37.49
N LEU A 302 25.77 -2.31 -38.49
CA LEU A 302 25.35 -3.66 -38.84
C LEU A 302 26.53 -4.46 -39.39
N GLU A 303 27.31 -3.84 -40.29
CA GLU A 303 28.51 -4.46 -40.87
C GLU A 303 29.48 -4.94 -39.80
N VAL A 304 29.71 -4.12 -38.76
CA VAL A 304 30.51 -4.49 -37.60
C VAL A 304 30.00 -5.79 -36.95
N LEU A 305 28.72 -5.79 -36.55
CA LEU A 305 28.10 -6.98 -35.92
C LEU A 305 28.34 -8.25 -36.74
N GLU A 306 28.19 -8.15 -38.06
CA GLU A 306 28.38 -9.26 -38.99
C GLU A 306 29.85 -9.65 -39.16
N GLU A 307 30.68 -8.65 -39.52
CA GLU A 307 32.11 -8.82 -39.76
C GLU A 307 32.86 -9.46 -38.61
N GLU A 308 32.55 -9.03 -37.38
CA GLU A 308 33.26 -9.45 -36.18
C GLU A 308 32.58 -10.62 -35.43
N ASN A 309 31.51 -11.18 -36.02
CA ASN A 309 30.81 -12.35 -35.47
C ASN A 309 30.46 -12.15 -33.99
N LEU A 310 29.91 -10.99 -33.66
CA LEU A 310 29.64 -10.64 -32.26
C LEU A 310 28.58 -11.52 -31.61
N ALA A 311 27.59 -11.96 -32.39
CA ALA A 311 26.58 -12.91 -31.90
C ALA A 311 27.21 -14.18 -31.33
N GLU A 312 28.10 -14.82 -32.11
CA GLU A 312 28.85 -16.00 -31.66
C GLU A 312 29.63 -15.69 -30.38
N ASN A 313 30.32 -14.53 -30.37
CA ASN A 313 31.05 -14.10 -29.18
C ASN A 313 30.16 -13.91 -27.96
N ALA A 314 29.00 -13.26 -28.13
CA ALA A 314 28.07 -13.06 -27.02
C ALA A 314 27.57 -14.40 -26.45
N ASP A 315 27.31 -15.38 -27.32
CA ASP A 315 26.82 -16.67 -26.91
C ASP A 315 27.93 -17.38 -26.08
N LYS A 316 29.16 -17.39 -26.60
CA LYS A 316 30.28 -18.12 -25.96
C LYS A 316 30.63 -17.52 -24.59
N LEU A 317 30.79 -16.19 -24.55
CA LEU A 317 31.15 -15.48 -23.32
C LEU A 317 30.02 -15.38 -22.31
N GLY A 318 28.78 -15.35 -22.78
CA GLY A 318 27.60 -15.38 -21.93
C GLY A 318 27.56 -16.56 -20.97
N ILE A 319 27.79 -17.76 -21.51
CA ILE A 319 27.85 -19.01 -20.76
C ILE A 319 28.89 -18.91 -19.63
N ILE A 320 30.09 -18.45 -20.01
CA ILE A 320 31.18 -18.22 -19.06
C ILE A 320 30.74 -17.25 -17.94
N LEU A 321 30.13 -16.12 -18.32
CA LEU A 321 29.70 -15.13 -17.34
C LEU A 321 28.71 -15.74 -16.33
N ARG A 322 27.67 -16.41 -16.83
CA ARG A 322 26.59 -16.99 -15.99
C ARG A 322 27.16 -18.09 -15.10
N ASN A 323 27.99 -18.98 -15.64
CA ASN A 323 28.57 -20.07 -14.84
C ASN A 323 29.39 -19.55 -13.67
N GLU A 324 30.13 -18.46 -13.89
CA GLU A 324 30.96 -17.87 -12.85
C GLU A 324 30.10 -17.16 -11.81
N LEU A 325 29.06 -16.46 -12.27
CA LEU A 325 28.12 -15.79 -11.37
C LEU A 325 27.40 -16.78 -10.47
N MET A 326 27.12 -17.99 -10.99
CA MET A 326 26.43 -19.02 -10.20
C MET A 326 27.27 -19.60 -9.05
N LYS A 327 28.58 -19.35 -9.08
CA LYS A 327 29.50 -19.80 -8.01
C LYS A 327 29.47 -18.89 -6.78
N LEU A 328 28.82 -17.73 -6.89
CA LEU A 328 28.68 -16.80 -5.76
C LEU A 328 27.67 -17.41 -4.78
N PRO A 329 27.84 -17.20 -3.45
CA PRO A 329 27.01 -17.89 -2.46
C PRO A 329 25.50 -17.65 -2.68
N SER A 330 24.67 -18.68 -2.51
CA SER A 330 23.22 -18.58 -2.74
C SER A 330 22.48 -17.69 -1.73
N ASP A 331 23.13 -17.46 -0.58
CA ASP A 331 22.64 -16.58 0.47
C ASP A 331 22.68 -15.10 0.10
N VAL A 332 23.59 -14.74 -0.82
CA VAL A 332 23.88 -13.36 -1.18
C VAL A 332 23.31 -13.03 -2.58
N VAL A 333 23.49 -13.99 -3.51
CA VAL A 333 22.92 -13.94 -4.87
C VAL A 333 21.92 -15.08 -5.02
N THR A 334 20.65 -14.71 -5.22
CA THR A 334 19.52 -15.64 -5.18
C THR A 334 19.13 -16.19 -6.54
N ALA A 335 19.60 -15.52 -7.60
CA ALA A 335 19.36 -15.96 -8.98
C ALA A 335 20.35 -15.32 -9.95
N VAL A 336 20.65 -16.05 -11.02
CA VAL A 336 21.42 -15.59 -12.16
C VAL A 336 20.57 -15.94 -13.37
N ARG A 337 20.39 -14.99 -14.31
CA ARG A 337 19.56 -15.23 -15.54
C ARG A 337 20.10 -14.45 -16.73
N GLY A 338 19.72 -14.88 -17.94
CA GLY A 338 20.09 -14.21 -19.16
C GLY A 338 20.38 -15.13 -20.31
N LYS A 339 20.61 -14.51 -21.46
CA LYS A 339 20.98 -15.21 -22.68
C LYS A 339 22.05 -14.35 -23.29
N GLY A 340 23.07 -15.00 -23.86
CA GLY A 340 24.21 -14.30 -24.42
C GLY A 340 24.77 -13.36 -23.39
N LEU A 341 24.96 -12.09 -23.77
CA LEU A 341 25.55 -11.09 -22.88
C LEU A 341 24.50 -10.11 -22.30
N LEU A 342 23.24 -10.55 -22.31
CA LEU A 342 22.18 -9.88 -21.56
C LEU A 342 21.91 -10.74 -20.34
N ASN A 343 22.41 -10.29 -19.19
CA ASN A 343 22.37 -11.05 -17.94
C ASN A 343 22.08 -10.17 -16.75
N ALA A 344 21.71 -10.80 -15.64
CA ALA A 344 21.43 -10.11 -14.38
C ALA A 344 21.57 -11.06 -13.21
N ILE A 345 21.85 -10.49 -12.02
CA ILE A 345 21.80 -11.22 -10.78
C ILE A 345 20.75 -10.59 -9.88
N VAL A 346 20.14 -11.41 -9.02
CA VAL A 346 19.22 -10.95 -8.01
C VAL A 346 19.91 -11.16 -6.65
N ILE A 347 19.97 -10.08 -5.86
CA ILE A 347 20.62 -10.11 -4.55
C ILE A 347 19.59 -10.24 -3.43
N LYS A 348 20.01 -10.85 -2.32
CA LYS A 348 19.19 -11.01 -1.12
C LYS A 348 19.23 -9.70 -0.34
N GLU A 349 18.46 -8.71 -0.83
CA GLU A 349 18.36 -7.40 -0.24
C GLU A 349 17.83 -7.50 1.18
N THR A 350 18.55 -6.85 2.10
CA THR A 350 18.07 -6.59 3.44
C THR A 350 17.88 -5.08 3.50
N LYS A 351 17.62 -4.55 4.68
CA LYS A 351 17.59 -3.11 4.93
C LYS A 351 19.02 -2.56 5.05
N ASP A 352 19.97 -3.42 5.42
CA ASP A 352 21.39 -3.07 5.48
C ASP A 352 22.01 -2.82 4.10
N TRP A 353 21.56 -3.55 3.09
CA TRP A 353 22.33 -3.72 1.86
C TRP A 353 21.41 -4.02 0.65
N ASP A 354 21.78 -3.41 -0.49
CA ASP A 354 20.95 -3.39 -1.67
C ASP A 354 21.78 -3.26 -2.95
N ALA A 355 21.09 -3.36 -4.10
CA ALA A 355 21.71 -3.30 -5.42
C ALA A 355 22.43 -1.98 -5.68
N TRP A 356 21.87 -0.87 -5.20
CA TRP A 356 22.51 0.45 -5.29
C TRP A 356 23.90 0.46 -4.63
N LYS A 357 23.95 -0.01 -3.38
CA LYS A 357 25.20 -0.13 -2.62
C LYS A 357 26.23 -1.02 -3.33
N VAL A 358 25.76 -2.12 -3.93
CA VAL A 358 26.64 -3.01 -4.65
C VAL A 358 27.23 -2.28 -5.87
N CYS A 359 26.38 -1.56 -6.60
CA CYS A 359 26.84 -0.82 -7.77
C CYS A 359 27.78 0.36 -7.46
N LEU A 360 27.62 0.96 -6.26
CA LEU A 360 28.54 1.99 -5.80
C LEU A 360 29.95 1.38 -5.60
N ARG A 361 30.03 0.19 -5.02
CA ARG A 361 31.31 -0.49 -4.71
C ARG A 361 31.92 -1.09 -5.99
N LEU A 362 31.08 -1.57 -6.91
CA LEU A 362 31.54 -2.03 -8.23
C LEU A 362 32.29 -0.91 -8.94
N ARG A 363 31.67 0.28 -8.96
CA ARG A 363 32.27 1.54 -9.48
C ARG A 363 33.61 1.81 -8.80
N ASP A 364 33.67 1.73 -7.47
CA ASP A 364 34.91 1.93 -6.70
C ASP A 364 36.00 0.94 -7.11
N ASN A 365 35.58 -0.26 -7.51
CA ASN A 365 36.49 -1.31 -7.95
C ASN A 365 36.67 -1.41 -9.46
N GLY A 366 36.21 -0.38 -10.18
CA GLY A 366 36.43 -0.23 -11.61
C GLY A 366 35.46 -0.88 -12.59
N LEU A 367 34.21 -1.09 -12.17
CA LEU A 367 33.17 -1.66 -13.07
C LEU A 367 31.84 -0.94 -12.90
N LEU A 368 31.25 -0.53 -14.04
CA LEU A 368 29.99 0.22 -14.08
C LEU A 368 28.81 -0.66 -14.49
N ALA A 369 27.87 -0.81 -13.56
CA ALA A 369 26.62 -1.52 -13.75
C ALA A 369 25.52 -0.67 -13.12
N LYS A 370 24.26 -0.94 -13.47
CA LYS A 370 23.16 -0.21 -12.86
C LYS A 370 22.12 -1.16 -12.28
N PRO A 371 21.59 -0.88 -11.07
CA PRO A 371 20.50 -1.69 -10.51
C PRO A 371 19.18 -1.32 -11.19
N THR A 372 18.21 -2.23 -11.15
CA THR A 372 16.95 -2.07 -11.86
C THR A 372 15.73 -2.22 -10.96
N HIS A 373 15.94 -2.56 -9.67
CA HIS A 373 14.86 -2.61 -8.68
C HIS A 373 15.31 -2.65 -7.20
N GLY A 374 16.59 -2.40 -6.94
CA GLY A 374 17.12 -2.50 -5.58
C GLY A 374 17.54 -3.91 -5.18
N ASP A 375 17.08 -4.93 -5.92
CA ASP A 375 17.62 -6.28 -5.80
C ASP A 375 18.21 -6.88 -7.08
N ILE A 376 18.00 -6.21 -8.23
CA ILE A 376 18.50 -6.71 -9.52
C ILE A 376 19.65 -5.84 -10.01
N ILE A 377 20.74 -6.49 -10.44
CA ILE A 377 21.85 -5.84 -11.09
C ILE A 377 22.06 -6.47 -12.45
N ARG A 378 22.06 -5.63 -13.48
CA ARG A 378 22.29 -6.05 -14.90
C ARG A 378 23.80 -6.16 -15.16
N PHE A 379 24.20 -7.18 -15.92
CA PHE A 379 25.57 -7.35 -16.38
C PHE A 379 25.53 -7.55 -17.88
N ALA A 380 25.96 -6.51 -18.62
CA ALA A 380 25.78 -6.43 -20.05
C ALA A 380 26.90 -5.61 -20.68
N PRO A 381 28.11 -6.21 -20.84
CA PRO A 381 29.24 -5.51 -21.45
C PRO A 381 29.12 -5.51 -22.97
N PRO A 382 29.86 -4.63 -23.66
CA PRO A 382 29.91 -4.67 -25.13
C PRO A 382 30.32 -6.04 -25.66
N LEU A 383 29.83 -6.39 -26.85
CA LEU A 383 30.00 -7.72 -27.43
C LEU A 383 31.43 -7.93 -27.99
N VAL A 384 32.20 -6.84 -28.09
CA VAL A 384 33.62 -6.86 -28.48
C VAL A 384 34.59 -7.28 -27.36
N ILE A 385 34.07 -7.45 -26.14
CA ILE A 385 34.85 -7.92 -25.01
C ILE A 385 35.44 -9.32 -25.30
N LYS A 386 36.68 -9.52 -24.84
CA LYS A 386 37.43 -10.80 -24.97
C LYS A 386 37.35 -11.56 -23.68
N GLU A 387 37.64 -12.87 -23.74
CA GLU A 387 37.56 -13.73 -22.57
C GLU A 387 38.41 -13.26 -21.38
N ASP A 388 39.67 -12.87 -21.64
CA ASP A 388 40.55 -12.43 -20.55
C ASP A 388 40.03 -11.14 -19.92
N GLU A 389 39.47 -10.26 -20.76
CA GLU A 389 38.79 -9.04 -20.29
C GLU A 389 37.57 -9.40 -19.48
N LEU A 390 36.81 -10.40 -19.94
CA LEU A 390 35.64 -10.84 -19.24
C LEU A 390 35.99 -11.40 -17.88
N ARG A 391 37.03 -12.26 -17.83
CA ARG A 391 37.47 -12.88 -16.56
C ARG A 391 38.00 -11.82 -15.61
N GLU A 392 38.75 -10.82 -16.11
CA GLU A 392 39.19 -9.70 -15.25
C GLU A 392 37.98 -8.99 -14.62
N SER A 393 36.94 -8.74 -15.42
CA SER A 393 35.67 -8.15 -14.95
C SER A 393 34.98 -8.98 -13.87
N ILE A 394 34.93 -10.30 -14.11
CA ILE A 394 34.32 -11.25 -13.18
C ILE A 394 35.08 -11.22 -11.85
N GLU A 395 36.40 -11.05 -11.92
CA GLU A 395 37.21 -10.93 -10.72
C GLU A 395 36.78 -9.68 -9.95
N ILE A 396 36.55 -8.56 -10.66
CA ILE A 396 36.03 -7.34 -10.01
C ILE A 396 34.68 -7.58 -9.32
N ILE A 397 33.77 -8.24 -10.04
CA ILE A 397 32.44 -8.56 -9.52
C ILE A 397 32.53 -9.44 -8.24
N ASN A 398 33.34 -10.51 -8.30
CA ASN A 398 33.59 -11.40 -7.15
C ASN A 398 34.19 -10.67 -5.94
N LYS A 399 35.23 -9.88 -6.18
CA LYS A 399 35.88 -9.05 -5.16
C LYS A 399 34.85 -8.18 -4.46
N THR A 400 33.98 -7.55 -5.26
CA THR A 400 32.98 -6.61 -4.75
C THR A 400 31.91 -7.29 -3.89
N ILE A 401 31.29 -8.34 -4.44
CA ILE A 401 30.23 -9.08 -3.76
C ILE A 401 30.74 -9.69 -2.45
N LEU A 402 31.91 -10.31 -2.51
CA LEU A 402 32.50 -10.97 -1.35
C LEU A 402 33.17 -9.99 -0.35
N SER A 403 33.21 -8.69 -0.69
CA SER A 403 33.81 -7.68 0.19
C SER A 403 32.82 -7.10 1.22
N PHE A 404 31.55 -7.52 1.13
CA PHE A 404 30.52 -7.07 2.06
C PHE A 404 30.54 -7.88 3.35
N PRO B 2 -6.21 54.20 33.82
CA PRO B 2 -6.04 53.28 32.67
C PRO B 2 -4.61 52.77 32.59
N PRO B 3 -4.27 51.60 33.19
CA PRO B 3 -2.91 51.06 33.11
C PRO B 3 -2.39 50.82 31.69
N THR B 4 -1.11 51.18 31.44
CA THR B 4 -0.43 50.90 30.16
C THR B 4 0.06 49.44 30.12
N SER B 5 0.61 49.02 28.98
CA SER B 5 1.17 47.69 28.82
C SER B 5 2.29 47.46 29.85
N ASP B 6 3.19 48.43 29.95
CA ASP B 6 4.30 48.36 30.93
C ASP B 6 3.83 48.30 32.40
N ASP B 7 2.77 49.06 32.73
CA ASP B 7 2.16 49.01 34.04
C ASP B 7 1.69 47.58 34.35
N ILE B 8 1.01 46.97 33.38
CA ILE B 8 0.47 45.61 33.49
C ILE B 8 1.56 44.59 33.78
N PHE B 9 2.68 44.68 33.05
CA PHE B 9 3.82 43.78 33.21
C PHE B 9 4.42 43.92 34.62
N GLU B 10 4.68 45.16 35.03
CA GLU B 10 5.35 45.46 36.29
C GLU B 10 4.49 45.03 37.50
N ARG B 11 3.17 45.26 37.42
CA ARG B 11 2.17 44.84 38.46
C ARG B 11 2.20 43.32 38.65
N GLU B 12 2.20 42.55 37.56
CA GLU B 12 2.33 41.09 37.63
C GLU B 12 3.68 40.64 38.23
N TYR B 13 4.78 41.27 37.81
CA TYR B 13 6.14 41.01 38.35
C TYR B 13 6.10 41.15 39.89
N LYS B 14 5.41 42.18 40.41
CA LYS B 14 5.35 42.43 41.85
C LYS B 14 4.51 41.39 42.65
N TYR B 15 3.29 41.10 42.20
CA TYR B 15 2.24 40.43 43.01
C TYR B 15 1.96 38.99 42.51
N GLY B 16 2.53 38.58 41.37
CA GLY B 16 2.30 37.25 40.82
C GLY B 16 3.55 36.38 40.81
N ALA B 17 3.35 35.06 40.88
CA ALA B 17 4.47 34.14 40.74
C ALA B 17 5.15 34.38 39.38
N HIS B 18 6.44 34.04 39.32
CA HIS B 18 7.25 34.23 38.13
C HIS B 18 7.38 32.89 37.37
N ASN B 19 6.24 32.20 37.20
CA ASN B 19 6.27 30.86 36.58
C ASN B 19 6.20 30.91 35.07
N TYR B 20 5.96 32.11 34.50
CA TYR B 20 5.93 32.34 33.03
C TYR B 20 6.88 33.47 32.60
N HIS B 21 7.34 33.40 31.35
CA HIS B 21 7.95 34.54 30.65
C HIS B 21 7.13 34.76 29.38
N PRO B 22 6.00 35.51 29.46
CA PRO B 22 5.12 35.74 28.31
C PRO B 22 5.74 36.68 27.25
N LEU B 23 5.20 36.63 26.04
CA LEU B 23 5.52 37.63 25.01
C LEU B 23 5.02 38.97 25.54
N PRO B 24 5.86 40.03 25.58
CA PRO B 24 5.41 41.33 26.07
C PRO B 24 4.31 42.01 25.23
N VAL B 25 3.06 41.60 25.45
CA VAL B 25 1.88 42.19 24.85
C VAL B 25 0.75 42.02 25.86
N ALA B 26 0.01 43.11 26.12
CA ALA B 26 -1.03 43.12 27.16
C ALA B 26 -2.43 43.30 26.59
N LEU B 27 -3.14 42.17 26.46
CA LEU B 27 -4.43 42.12 25.78
C LEU B 27 -5.59 42.37 26.73
N GLU B 28 -6.62 43.08 26.24
CA GLU B 28 -7.82 43.37 27.01
C GLU B 28 -9.15 43.03 26.33
N ARG B 29 -9.11 42.78 25.01
CA ARG B 29 -10.32 42.46 24.22
C ARG B 29 -9.99 41.41 23.16
N GLY B 30 -10.93 40.51 22.89
CA GLY B 30 -10.79 39.49 21.85
C GLY B 30 -12.14 39.21 21.22
N LYS B 31 -12.14 39.09 19.89
CA LYS B 31 -13.34 38.80 19.13
C LYS B 31 -12.92 38.10 17.84
N GLY B 32 -13.42 36.88 17.67
CA GLY B 32 -13.11 36.02 16.53
C GLY B 32 -11.61 35.75 16.44
N ILE B 33 -10.99 36.16 15.33
CA ILE B 33 -9.57 35.91 15.09
C ILE B 33 -8.63 36.95 15.69
N TYR B 34 -9.19 38.04 16.23
CA TYR B 34 -8.44 39.27 16.58
C TYR B 34 -8.33 39.42 18.11
N LEU B 35 -7.20 40.01 18.53
CA LEU B 35 -6.97 40.47 19.87
C LEU B 35 -6.60 41.95 19.86
N TRP B 36 -7.03 42.68 20.90
CA TRP B 36 -6.67 44.07 21.09
C TRP B 36 -5.95 44.23 22.42
N ASP B 37 -4.82 44.94 22.40
CA ASP B 37 -4.13 45.36 23.61
C ASP B 37 -4.71 46.64 24.20
N VAL B 38 -4.20 47.02 25.38
CA VAL B 38 -4.71 48.16 26.14
C VAL B 38 -4.50 49.53 25.48
N GLU B 39 -3.52 49.60 24.56
CA GLU B 39 -3.27 50.76 23.73
C GLU B 39 -4.23 50.85 22.52
N GLY B 40 -4.99 49.77 22.26
CA GLY B 40 -5.94 49.70 21.17
C GLY B 40 -5.41 49.04 19.89
N ARG B 41 -4.17 48.54 19.95
CA ARG B 41 -3.51 47.88 18.78
C ARG B 41 -4.22 46.56 18.49
N LYS B 42 -4.41 46.22 17.20
CA LYS B 42 -5.13 45.03 16.78
C LYS B 42 -4.15 43.97 16.26
N TYR B 43 -4.43 42.70 16.58
CA TYR B 43 -3.52 41.57 16.27
C TYR B 43 -4.32 40.37 15.75
N PHE B 44 -3.76 39.64 14.79
CA PHE B 44 -4.19 38.29 14.48
C PHE B 44 -3.67 37.40 15.61
N ASP B 45 -4.56 36.58 16.17
CA ASP B 45 -4.16 35.55 17.12
C ASP B 45 -3.77 34.31 16.30
N PHE B 46 -2.47 33.99 16.31
CA PHE B 46 -1.96 32.78 15.69
C PHE B 46 -1.51 31.71 16.69
N LEU B 47 -2.03 31.81 17.92
CA LEU B 47 -1.85 30.79 18.96
C LEU B 47 -3.16 30.12 19.37
N SER B 48 -4.27 30.87 19.33
CA SER B 48 -5.59 30.38 19.72
C SER B 48 -5.62 29.72 21.10
N SER B 49 -4.82 30.27 22.03
CA SER B 49 -4.76 29.76 23.39
C SER B 49 -4.52 28.24 23.45
N TYR B 50 -3.54 27.77 22.66
CA TYR B 50 -3.14 26.34 22.45
C TYR B 50 -4.36 25.49 22.03
N SER B 51 -5.18 26.06 21.14
CA SER B 51 -6.41 25.50 20.58
C SER B 51 -7.65 25.64 21.43
N ALA B 52 -7.59 26.37 22.56
CA ALA B 52 -8.78 26.55 23.36
C ALA B 52 -9.82 27.44 22.69
N VAL B 53 -9.40 28.39 21.84
CA VAL B 53 -10.34 29.23 21.10
C VAL B 53 -10.39 28.93 19.60
N ASN B 54 -10.56 27.63 19.28
CA ASN B 54 -10.80 27.19 17.89
C ASN B 54 -12.01 27.93 17.25
N GLN B 55 -13.02 28.23 18.06
CA GLN B 55 -14.24 28.92 17.65
C GLN B 55 -14.11 30.44 17.47
N GLY B 56 -12.93 30.99 17.75
CA GLY B 56 -12.69 32.42 17.83
C GLY B 56 -12.96 32.91 19.25
N HIS B 57 -12.34 34.03 19.63
CA HIS B 57 -12.55 34.63 20.95
C HIS B 57 -14.01 35.05 21.09
N CYS B 58 -14.60 34.74 22.25
CA CYS B 58 -15.95 35.15 22.62
C CYS B 58 -17.01 34.93 21.53
N HIS B 59 -17.11 33.69 21.04
CA HIS B 59 -18.10 33.34 20.03
C HIS B 59 -19.50 33.59 20.58
N PRO B 60 -20.36 34.38 19.90
CA PRO B 60 -21.65 34.81 20.46
C PRO B 60 -22.58 33.67 20.91
N LYS B 61 -22.60 32.56 20.16
CA LYS B 61 -23.41 31.41 20.53
C LYS B 61 -22.95 30.83 21.87
N ILE B 62 -21.64 30.81 22.10
CA ILE B 62 -21.08 30.17 23.32
C ILE B 62 -21.29 31.11 24.51
N VAL B 63 -21.12 32.41 24.25
CA VAL B 63 -21.38 33.47 25.22
C VAL B 63 -22.84 33.49 25.66
N ASN B 64 -23.76 33.35 24.70
CA ASN B 64 -25.19 33.32 25.01
C ASN B 64 -25.61 32.12 25.88
N ALA B 65 -24.94 30.98 25.67
CA ALA B 65 -25.15 29.79 26.50
C ALA B 65 -24.73 30.03 27.94
N LEU B 66 -23.55 30.63 28.11
CA LEU B 66 -22.98 30.99 29.39
C LEU B 66 -23.87 32.01 30.12
N LYS B 67 -24.27 33.07 29.41
CA LYS B 67 -25.15 34.11 29.99
C LYS B 67 -26.53 33.57 30.39
N SER B 68 -27.11 32.71 29.56
CA SER B 68 -28.41 32.12 29.83
C SER B 68 -28.36 31.27 31.11
N GLN B 69 -27.37 30.37 31.20
CA GLN B 69 -27.31 29.40 32.28
C GLN B 69 -26.88 29.98 33.66
N VAL B 70 -26.05 31.02 33.64
CA VAL B 70 -25.50 31.58 34.89
C VAL B 70 -26.57 32.24 35.76
N ASP B 71 -27.69 32.60 35.13
CA ASP B 71 -28.85 33.15 35.84
C ASP B 71 -29.71 32.06 36.44
N LYS B 72 -29.47 30.81 36.03
CA LYS B 72 -30.28 29.68 36.48
C LYS B 72 -29.63 28.93 37.61
N LEU B 73 -28.46 28.36 37.33
CA LEU B 73 -27.75 27.50 38.25
C LEU B 73 -26.36 27.25 37.69
N THR B 74 -25.35 27.32 38.57
CA THR B 74 -23.96 27.16 38.12
C THR B 74 -23.21 25.99 38.76
N LEU B 75 -23.61 25.58 39.98
CA LEU B 75 -22.86 24.54 40.69
C LEU B 75 -23.63 23.93 41.85
N THR B 76 -23.91 22.63 41.76
CA THR B 76 -24.53 21.88 42.85
C THR B 76 -23.56 20.95 43.56
N SER B 77 -22.41 20.68 42.92
CA SER B 77 -21.53 19.54 43.23
C SER B 77 -22.25 18.28 42.81
N ARG B 78 -21.53 17.17 42.78
CA ARG B 78 -22.02 15.84 42.33
C ARG B 78 -22.68 15.10 43.49
N ALA B 79 -22.81 15.74 44.66
CA ALA B 79 -23.63 15.25 45.76
C ALA B 79 -25.10 15.08 45.33
N PHE B 80 -25.53 15.90 44.35
CA PHE B 80 -26.87 15.92 43.79
C PHE B 80 -26.76 15.92 42.28
N TYR B 81 -27.91 15.70 41.62
CA TYR B 81 -28.05 15.80 40.14
C TYR B 81 -28.42 17.23 39.74
N ASN B 82 -27.86 17.68 38.62
CA ASN B 82 -28.36 18.84 37.91
C ASN B 82 -29.00 18.33 36.61
N ASN B 83 -29.78 19.17 35.94
CA ASN B 83 -30.55 18.78 34.75
C ASN B 83 -29.80 18.90 33.43
N VAL B 84 -28.64 19.57 33.44
CA VAL B 84 -27.85 19.80 32.21
C VAL B 84 -26.90 18.65 31.88
N LEU B 85 -26.21 18.14 32.91
CA LEU B 85 -25.08 17.22 32.69
C LEU B 85 -25.42 16.02 31.80
N GLY B 86 -26.54 15.36 32.09
CA GLY B 86 -27.02 14.22 31.30
C GLY B 86 -27.29 14.54 29.85
N GLU B 87 -27.82 15.73 29.58
CA GLU B 87 -28.04 16.20 28.21
C GLU B 87 -26.69 16.33 27.47
N TYR B 88 -25.69 16.94 28.14
CA TYR B 88 -24.30 17.05 27.63
C TYR B 88 -23.69 15.65 27.42
N GLU B 89 -23.82 14.75 28.40
CA GLU B 89 -23.25 13.41 28.32
C GLU B 89 -23.79 12.62 27.11
N GLU B 90 -25.11 12.65 26.91
CA GLU B 90 -25.75 12.00 25.77
C GLU B 90 -25.21 12.56 24.44
N TYR B 91 -25.10 13.88 24.37
CA TYR B 91 -24.66 14.62 23.17
C TYR B 91 -23.21 14.24 22.81
N ILE B 92 -22.26 14.41 23.73
CA ILE B 92 -20.85 14.13 23.42
C ILE B 92 -20.56 12.65 23.13
N THR B 93 -21.21 11.74 23.87
CA THR B 93 -20.98 10.31 23.70
C THR B 93 -21.47 9.84 22.34
N LYS B 94 -22.67 10.30 21.94
CA LYS B 94 -23.23 10.05 20.62
C LYS B 94 -22.39 10.66 19.48
N LEU B 95 -21.85 11.86 19.68
CA LEU B 95 -20.99 12.53 18.69
C LEU B 95 -19.69 11.76 18.38
N PHE B 96 -19.01 11.31 19.43
CA PHE B 96 -17.72 10.58 19.30
C PHE B 96 -17.84 9.05 19.28
N ASN B 97 -19.06 8.57 19.51
CA ASN B 97 -19.41 7.16 19.52
C ASN B 97 -18.64 6.32 20.54
N TYR B 98 -18.76 6.71 21.81
CA TYR B 98 -18.35 5.92 23.00
C TYR B 98 -19.54 5.79 23.94
N HIS B 99 -19.54 4.77 24.81
CA HIS B 99 -20.67 4.54 25.72
C HIS B 99 -20.82 5.69 26.70
N LYS B 100 -19.69 6.15 27.25
CA LYS B 100 -19.71 7.04 28.40
C LYS B 100 -18.68 8.18 28.40
N VAL B 101 -19.01 9.23 29.16
CA VAL B 101 -18.07 10.29 29.41
C VAL B 101 -17.91 10.52 30.91
N LEU B 102 -16.67 10.84 31.32
CA LEU B 102 -16.38 11.26 32.68
C LEU B 102 -15.94 12.71 32.57
N PRO B 103 -16.71 13.69 33.12
CA PRO B 103 -16.36 15.10 33.04
C PRO B 103 -15.36 15.57 34.11
N MET B 104 -14.40 16.37 33.66
CA MET B 104 -13.43 17.03 34.51
C MET B 104 -13.27 18.46 33.99
N ASN B 105 -12.31 19.21 34.52
CA ASN B 105 -12.16 20.64 34.26
C ASN B 105 -10.96 20.97 33.36
N THR B 106 -9.76 20.52 33.75
CA THR B 106 -8.55 20.86 33.02
C THR B 106 -8.00 19.66 32.30
N GLY B 107 -7.12 19.91 31.32
CA GLY B 107 -6.53 18.85 30.54
C GLY B 107 -5.76 17.85 31.36
N VAL B 108 -5.00 18.32 32.35
CA VAL B 108 -4.19 17.43 33.17
C VAL B 108 -5.08 16.53 34.03
N GLU B 109 -6.24 17.05 34.46
CA GLU B 109 -7.21 16.25 35.16
C GLU B 109 -7.78 15.12 34.27
N ALA B 110 -7.99 15.37 32.98
CA ALA B 110 -8.44 14.31 32.06
C ALA B 110 -7.36 13.25 31.96
N GLY B 111 -6.10 13.66 31.84
CA GLY B 111 -4.96 12.74 31.82
C GLY B 111 -4.81 11.89 33.10
N GLU B 112 -4.91 12.53 34.27
CA GLU B 112 -4.90 11.83 35.57
C GLU B 112 -6.04 10.78 35.67
N THR B 113 -7.23 11.17 35.20
CA THR B 113 -8.42 10.31 35.15
C THR B 113 -8.15 9.07 34.26
N ALA B 114 -7.54 9.29 33.09
CA ALA B 114 -7.23 8.20 32.16
C ALA B 114 -6.20 7.24 32.78
N CYS B 115 -5.17 7.78 33.43
CA CYS B 115 -4.21 6.96 34.19
C CYS B 115 -4.89 6.13 35.28
N LYS B 116 -5.88 6.72 35.95
CA LYS B 116 -6.62 6.03 37.02
C LYS B 116 -7.47 4.89 36.48
N LEU B 117 -8.15 5.14 35.36
CA LEU B 117 -8.95 4.13 34.64
C LEU B 117 -8.07 2.98 34.16
N ALA B 118 -6.91 3.33 33.59
CA ALA B 118 -5.93 2.37 33.06
C ALA B 118 -5.48 1.38 34.11
N ARG B 119 -5.08 1.93 35.27
CA ARG B 119 -4.62 1.15 36.44
C ARG B 119 -5.77 0.30 37.00
N LYS B 120 -6.94 0.91 37.23
CA LYS B 120 -8.07 0.21 37.78
C LYS B 120 -8.52 -0.95 36.86
N TRP B 121 -8.54 -0.69 35.54
CA TRP B 121 -8.81 -1.73 34.53
C TRP B 121 -7.71 -2.78 34.49
N GLY B 122 -6.45 -2.32 34.57
CA GLY B 122 -5.30 -3.20 34.72
C GLY B 122 -5.48 -4.26 35.80
N TYR B 123 -5.81 -3.80 37.01
CA TYR B 123 -5.91 -4.68 38.20
C TYR B 123 -7.21 -5.51 38.14
N THR B 124 -8.34 -4.87 37.84
CA THR B 124 -9.65 -5.50 38.01
C THR B 124 -10.07 -6.37 36.82
N VAL B 125 -9.63 -6.02 35.60
CA VAL B 125 -10.01 -6.74 34.38
C VAL B 125 -8.85 -7.57 33.83
N LYS B 126 -7.70 -6.92 33.56
CA LYS B 126 -6.58 -7.60 32.96
C LYS B 126 -5.94 -8.64 33.95
N GLY B 127 -6.01 -8.35 35.24
CA GLY B 127 -5.57 -9.28 36.26
C GLY B 127 -4.14 -9.05 36.77
N ILE B 128 -3.63 -7.83 36.53
CA ILE B 128 -2.31 -7.44 36.98
C ILE B 128 -2.34 -7.43 38.51
N GLN B 129 -1.26 -7.93 39.12
CA GLN B 129 -1.09 -7.95 40.56
C GLN B 129 -0.98 -6.52 41.08
N LYS B 130 -1.66 -6.24 42.18
CA LYS B 130 -1.70 -4.92 42.73
C LYS B 130 -0.39 -4.22 42.94
N TYR B 131 -0.36 -3.15 42.15
CA TYR B 131 0.51 -1.97 42.01
C TYR B 131 1.71 -2.35 41.17
N LYS B 132 1.59 -3.40 40.36
CA LYS B 132 2.59 -3.68 39.30
C LYS B 132 2.25 -3.08 37.94
N ALA B 133 1.12 -2.36 37.83
CA ALA B 133 0.66 -1.82 36.56
C ALA B 133 1.55 -0.70 36.04
N LYS B 134 1.87 -0.78 34.76
CA LYS B 134 2.69 0.23 34.11
C LYS B 134 1.90 0.94 33.03
N ILE B 135 2.19 2.24 32.88
CA ILE B 135 1.67 3.07 31.79
C ILE B 135 2.88 3.57 30.99
N VAL B 136 2.81 3.41 29.66
CA VAL B 136 3.87 3.80 28.76
C VAL B 136 3.54 5.14 28.10
N PHE B 137 4.56 5.96 27.91
CA PHE B 137 4.45 7.29 27.35
C PHE B 137 5.52 7.50 26.27
N ALA B 138 5.29 8.52 25.41
CA ALA B 138 6.22 8.89 24.39
C ALA B 138 7.06 10.07 24.78
N ALA B 139 8.35 9.96 24.49
CA ALA B 139 9.30 11.03 24.69
C ALA B 139 8.81 12.27 23.90
N GLY B 140 8.94 13.44 24.54
CA GLY B 140 8.40 14.69 24.01
C GLY B 140 6.98 15.01 24.42
N ASN B 141 6.30 14.08 25.10
CA ASN B 141 4.94 14.26 25.59
C ASN B 141 4.78 15.46 26.52
N PHE B 142 3.63 16.12 26.41
CA PHE B 142 3.22 17.12 27.38
C PHE B 142 1.75 16.94 27.63
N TRP B 143 1.40 16.67 28.90
CA TRP B 143 -0.01 16.58 29.29
C TRP B 143 -0.33 17.33 30.59
N GLY B 144 0.56 18.24 30.99
CA GLY B 144 0.31 19.06 32.17
C GLY B 144 1.42 19.07 33.20
N ARG B 145 1.07 19.56 34.39
CA ARG B 145 2.08 20.06 35.35
C ARG B 145 1.92 19.44 36.74
N THR B 146 1.05 18.45 36.90
CA THR B 146 0.93 17.71 38.16
C THR B 146 2.23 16.90 38.37
N LEU B 147 2.38 16.36 39.56
CA LEU B 147 3.55 15.54 39.87
C LEU B 147 3.55 14.31 38.97
N SER B 148 2.39 13.72 38.73
CA SER B 148 2.26 12.62 37.76
C SER B 148 2.66 12.98 36.37
N ALA B 149 2.15 14.12 35.87
CA ALA B 149 2.38 14.49 34.51
C ALA B 149 3.84 14.82 34.24
N ILE B 150 4.54 15.49 35.18
CA ILE B 150 5.95 15.76 35.01
C ILE B 150 6.80 14.48 35.13
N SER B 151 6.25 13.45 35.79
CA SER B 151 6.95 12.20 35.95
C SER B 151 7.10 11.41 34.64
N SER B 152 6.31 11.74 33.62
CA SER B 152 6.39 11.09 32.31
C SER B 152 7.16 11.96 31.28
N SER B 153 7.57 13.16 31.71
CA SER B 153 8.18 14.12 30.81
C SER B 153 9.66 13.82 30.61
N THR B 154 10.15 14.09 29.40
CA THR B 154 11.58 14.06 29.09
C THR B 154 12.18 15.48 29.05
N ASP B 155 11.39 16.48 29.44
CA ASP B 155 11.84 17.88 29.46
C ASP B 155 12.34 18.24 30.87
N PRO B 156 13.66 18.42 31.07
CA PRO B 156 14.22 18.76 32.39
C PRO B 156 13.58 19.99 33.05
N THR B 157 13.12 20.97 32.26
CA THR B 157 12.44 22.13 32.86
C THR B 157 11.14 21.74 33.60
N SER B 158 10.45 20.69 33.11
CA SER B 158 9.26 20.14 33.76
C SER B 158 9.54 19.41 35.08
N TYR B 159 10.59 18.57 35.12
CA TYR B 159 10.78 17.60 36.24
C TYR B 159 11.89 18.01 37.21
N ASP B 160 12.92 18.74 36.78
CA ASP B 160 14.06 19.07 37.63
C ASP B 160 13.68 19.80 38.92
N GLY B 161 14.08 19.23 40.08
CA GLY B 161 13.80 19.82 41.38
C GLY B 161 12.42 19.52 41.94
N PHE B 162 11.70 18.57 41.30
CA PHE B 162 10.31 18.27 41.64
C PHE B 162 10.04 16.89 42.27
N GLY B 163 11.09 16.25 42.83
CA GLY B 163 11.01 15.63 44.22
C GLY B 163 10.99 14.26 43.60
N PRO B 164 10.73 13.15 44.35
CA PRO B 164 10.74 11.85 43.70
C PRO B 164 9.53 11.67 42.77
N PHE B 165 9.71 10.81 41.76
CA PHE B 165 8.74 10.70 40.69
C PHE B 165 7.78 9.52 40.83
N MET B 166 6.62 9.61 40.17
CA MET B 166 5.64 8.54 40.12
C MET B 166 6.24 7.26 39.55
N PRO B 167 6.19 6.12 40.27
CA PRO B 167 6.67 4.84 39.73
C PRO B 167 5.65 4.30 38.72
N GLY B 168 6.06 3.33 37.91
CA GLY B 168 5.16 2.73 36.94
C GLY B 168 4.88 3.47 35.63
N PHE B 169 5.69 4.49 35.34
CA PHE B 169 5.59 5.25 34.11
C PHE B 169 6.84 4.97 33.33
N ASP B 170 6.69 4.38 32.14
CA ASP B 170 7.82 4.13 31.26
C ASP B 170 7.75 5.02 30.03
N ILE B 171 8.92 5.35 29.48
CA ILE B 171 9.06 6.26 28.37
C ILE B 171 9.78 5.56 27.21
N ILE B 172 9.17 5.64 26.02
CA ILE B 172 9.73 5.17 24.76
C ILE B 172 9.78 6.34 23.77
N PRO B 173 10.59 6.23 22.70
CA PRO B 173 10.59 7.24 21.64
C PRO B 173 9.23 7.35 20.95
N TYR B 174 8.88 8.58 20.57
CA TYR B 174 7.70 8.89 19.72
C TYR B 174 7.92 8.31 18.32
N ASN B 175 6.83 8.03 17.61
CA ASN B 175 6.90 7.62 16.21
C ASN B 175 7.82 6.43 16.01
N ASP B 176 7.72 5.45 16.92
CA ASP B 176 8.59 4.29 16.97
C ASP B 176 7.79 3.04 17.36
N LEU B 177 7.29 2.34 16.34
CA LEU B 177 6.50 1.14 16.51
C LEU B 177 7.32 -0.03 17.06
N PRO B 178 8.55 -0.32 16.55
CA PRO B 178 9.37 -1.37 17.16
C PRO B 178 9.61 -1.17 18.67
N ALA B 179 9.79 0.08 19.11
CA ALA B 179 9.94 0.40 20.53
C ALA B 179 8.70 0.09 21.37
N LEU B 180 7.53 0.41 20.82
CA LEU B 180 6.25 0.13 21.48
C LEU B 180 6.05 -1.38 21.59
N GLU B 181 6.26 -2.08 20.47
CA GLU B 181 6.16 -3.53 20.44
C GLU B 181 7.05 -4.14 21.54
N ARG B 182 8.29 -3.66 21.68
CA ARG B 182 9.24 -4.17 22.71
C ARG B 182 8.62 -3.91 24.11
N ALA B 183 8.10 -2.70 24.35
CA ALA B 183 7.60 -2.28 25.68
C ALA B 183 6.38 -3.10 26.11
N LEU B 184 5.50 -3.42 25.14
CA LEU B 184 4.29 -4.17 25.37
C LEU B 184 4.46 -5.68 25.56
N GLN B 185 5.70 -6.19 25.52
CA GLN B 185 5.95 -7.60 25.86
C GLN B 185 5.67 -7.85 27.35
N ASP B 186 5.76 -6.79 28.18
CA ASP B 186 5.51 -6.91 29.61
C ASP B 186 4.01 -6.99 29.87
N PRO B 187 3.49 -8.15 30.39
CA PRO B 187 2.06 -8.28 30.69
C PRO B 187 1.54 -7.29 31.75
N ASN B 188 2.44 -6.61 32.47
CA ASN B 188 2.05 -5.59 33.45
C ASN B 188 1.79 -4.19 32.88
N VAL B 189 1.98 -4.02 31.57
CA VAL B 189 1.53 -2.78 30.91
C VAL B 189 0.00 -2.76 30.78
N ALA B 190 -0.60 -1.77 31.43
CA ALA B 190 -2.02 -1.50 31.33
C ALA B 190 -2.43 -0.61 30.13
N ALA B 191 -1.56 0.37 29.79
CA ALA B 191 -1.89 1.38 28.76
C ALA B 191 -0.66 2.07 28.16
N PHE B 192 -0.90 2.68 26.99
CA PHE B 192 -0.02 3.58 26.27
C PHE B 192 -0.79 4.84 25.98
N MET B 193 -0.25 5.97 26.47
CA MET B 193 -0.82 7.30 26.27
C MET B 193 0.06 8.04 25.30
N VAL B 194 -0.56 8.63 24.27
CA VAL B 194 0.17 9.30 23.21
C VAL B 194 -0.70 10.38 22.54
N GLU B 195 -0.04 11.47 22.13
CA GLU B 195 -0.66 12.55 21.39
C GLU B 195 -0.54 12.22 19.90
N PRO B 196 -1.61 12.32 19.09
CA PRO B 196 -1.53 12.00 17.66
C PRO B 196 -0.58 12.91 16.86
N ILE B 197 -0.40 14.15 17.33
CA ILE B 197 0.64 15.09 16.92
C ILE B 197 1.05 15.69 18.26
N GLN B 198 2.36 15.76 18.53
CA GLN B 198 2.85 16.41 19.77
C GLN B 198 2.88 17.94 19.60
N GLY B 199 2.04 18.62 20.39
CA GLY B 199 1.83 20.06 20.29
C GLY B 199 3.02 20.81 20.86
N GLU B 200 3.21 20.67 22.18
CA GLU B 200 4.22 21.39 22.95
C GLU B 200 5.66 21.04 22.49
N ALA B 201 5.86 19.80 22.02
CA ALA B 201 7.15 19.36 21.49
C ALA B 201 7.54 20.08 20.20
N GLY B 202 6.56 20.75 19.57
CA GLY B 202 6.78 21.60 18.41
C GLY B 202 6.09 21.10 17.15
N VAL B 203 4.81 20.71 17.31
CA VAL B 203 3.98 20.14 16.25
C VAL B 203 4.73 18.99 15.52
N VAL B 204 5.11 17.97 16.31
CA VAL B 204 5.82 16.80 15.82
C VAL B 204 4.78 15.83 15.27
N VAL B 205 4.75 15.72 13.95
CA VAL B 205 3.81 14.86 13.24
C VAL B 205 4.48 13.51 12.95
N PRO B 206 3.92 12.38 13.44
CA PRO B 206 4.56 11.07 13.24
C PRO B 206 4.34 10.61 11.79
N ASP B 207 5.05 9.56 11.41
CA ASP B 207 5.03 9.01 10.05
C ASP B 207 3.65 8.43 9.77
N PRO B 208 3.17 8.46 8.50
CA PRO B 208 1.91 7.80 8.15
C PRO B 208 1.97 6.33 8.58
N GLY B 209 0.84 5.82 9.10
CA GLY B 209 0.74 4.45 9.60
C GLY B 209 1.07 4.28 11.06
N TYR B 210 1.65 5.30 11.70
CA TYR B 210 2.06 5.24 13.13
C TYR B 210 0.84 4.93 13.99
N LEU B 211 -0.25 5.67 13.79
CA LEU B 211 -1.43 5.53 14.64
C LEU B 211 -2.13 4.19 14.45
N MET B 212 -2.24 3.72 13.21
CA MET B 212 -2.81 2.38 12.96
C MET B 212 -1.94 1.27 13.59
N GLY B 213 -0.61 1.41 13.50
CA GLY B 213 0.34 0.51 14.14
C GLY B 213 0.26 0.45 15.65
N VAL B 214 0.07 1.64 16.28
CA VAL B 214 -0.14 1.74 17.71
C VAL B 214 -1.42 0.98 18.07
N ARG B 215 -2.51 1.21 17.31
CA ARG B 215 -3.82 0.57 17.56
C ARG B 215 -3.68 -0.96 17.45
N GLU B 216 -2.97 -1.45 16.45
CA GLU B 216 -2.80 -2.88 16.19
C GLU B 216 -2.08 -3.54 17.37
N LEU B 217 -0.99 -2.90 17.82
CA LEU B 217 -0.15 -3.43 18.92
C LEU B 217 -0.87 -3.45 20.27
N CYS B 218 -1.59 -2.36 20.56
CA CYS B 218 -2.36 -2.22 21.80
C CYS B 218 -3.45 -3.33 21.89
N THR B 219 -4.20 -3.54 20.80
CA THR B 219 -5.21 -4.58 20.71
C THR B 219 -4.62 -5.99 20.90
N ARG B 220 -3.52 -6.28 20.19
CA ARG B 220 -2.81 -7.59 20.25
C ARG B 220 -2.38 -7.89 21.69
N HIS B 221 -1.81 -6.90 22.40
CA HIS B 221 -1.22 -7.15 23.73
C HIS B 221 -2.16 -6.84 24.91
N GLN B 222 -3.44 -6.53 24.62
CA GLN B 222 -4.49 -6.23 25.62
C GLN B 222 -4.02 -5.03 26.49
N VAL B 223 -3.73 -3.92 25.80
CA VAL B 223 -3.25 -2.69 26.40
C VAL B 223 -4.15 -1.59 25.89
N LEU B 224 -4.50 -0.66 26.80
CA LEU B 224 -5.37 0.47 26.43
C LEU B 224 -4.57 1.54 25.67
N PHE B 225 -5.12 1.97 24.53
CA PHE B 225 -4.61 3.06 23.74
C PHE B 225 -5.37 4.34 24.18
N ILE B 226 -4.64 5.20 24.89
CA ILE B 226 -5.11 6.49 25.35
C ILE B 226 -4.58 7.52 24.39
N ALA B 227 -5.48 8.13 23.63
CA ALA B 227 -5.19 9.25 22.74
C ALA B 227 -5.47 10.54 23.46
N ASP B 228 -4.42 11.35 23.63
CA ASP B 228 -4.59 12.70 24.16
C ASP B 228 -4.88 13.66 22.99
N GLU B 229 -6.16 14.01 22.82
CA GLU B 229 -6.61 14.96 21.77
C GLU B 229 -7.03 16.29 22.37
N ILE B 230 -6.40 16.64 23.49
CA ILE B 230 -6.71 17.86 24.20
C ILE B 230 -6.40 19.07 23.33
N GLN B 231 -5.31 18.99 22.56
CA GLN B 231 -4.91 20.04 21.61
C GLN B 231 -5.25 19.71 20.17
N THR B 232 -5.15 18.43 19.81
CA THR B 232 -5.32 18.03 18.43
C THR B 232 -6.77 17.84 18.01
N GLY B 233 -7.67 17.61 18.97
CA GLY B 233 -9.05 17.32 18.72
C GLY B 233 -9.88 18.52 18.33
N LEU B 234 -11.18 18.27 18.09
CA LEU B 234 -12.14 19.33 17.87
C LEU B 234 -11.72 20.23 16.68
N ALA B 235 -11.47 19.59 15.53
CA ALA B 235 -11.38 20.27 14.22
C ALA B 235 -10.06 20.94 13.86
N ARG B 236 -9.18 21.13 14.85
CA ARG B 236 -7.90 21.89 14.71
C ARG B 236 -7.07 21.30 13.54
N THR B 237 -6.95 19.98 13.45
CA THR B 237 -6.15 19.33 12.41
C THR B 237 -6.91 19.04 11.12
N GLY B 238 -8.20 19.39 11.09
CA GLY B 238 -9.06 19.20 9.92
C GLY B 238 -10.00 18.00 9.95
N ARG B 239 -10.07 17.31 11.10
CA ARG B 239 -11.07 16.24 11.40
C ARG B 239 -11.62 16.44 12.81
N TRP B 240 -12.72 15.78 13.17
CA TRP B 240 -13.17 15.78 14.58
C TRP B 240 -12.04 15.43 15.55
N LEU B 241 -11.29 14.36 15.20
CA LEU B 241 -10.12 13.93 15.96
C LEU B 241 -8.97 13.68 14.99
N ALA B 242 -7.75 14.02 15.41
CA ALA B 242 -6.55 13.76 14.63
C ALA B 242 -6.39 12.28 14.27
N VAL B 243 -6.78 11.40 15.19
CA VAL B 243 -6.76 9.96 14.92
C VAL B 243 -7.69 9.53 13.73
N ASP B 244 -8.65 10.38 13.35
CA ASP B 244 -9.56 10.12 12.21
C ASP B 244 -8.84 9.99 10.86
N TYR B 245 -7.68 10.67 10.73
CA TYR B 245 -6.83 10.62 9.51
C TYR B 245 -6.45 9.16 9.18
N GLU B 246 -6.34 8.30 10.20
CA GLU B 246 -6.04 6.89 9.95
C GLU B 246 -7.12 5.93 10.44
N ASN B 247 -8.36 6.45 10.57
CA ASN B 247 -9.53 5.69 11.01
C ASN B 247 -9.30 4.87 12.26
N VAL B 248 -8.60 5.43 13.25
CA VAL B 248 -8.18 4.69 14.43
C VAL B 248 -9.11 5.02 15.54
N ARG B 249 -9.58 4.01 16.29
CA ARG B 249 -10.50 4.19 17.43
C ARG B 249 -9.72 3.90 18.72
N PRO B 250 -9.29 4.94 19.48
CA PRO B 250 -8.63 4.70 20.76
C PRO B 250 -9.58 4.07 21.78
N ASP B 251 -9.03 3.41 22.80
CA ASP B 251 -9.82 2.92 23.94
C ASP B 251 -10.33 4.09 24.80
N ILE B 252 -9.47 5.09 25.02
CA ILE B 252 -9.78 6.28 25.83
C ILE B 252 -9.37 7.51 25.01
N VAL B 253 -10.30 8.46 24.88
CA VAL B 253 -10.02 9.72 24.20
C VAL B 253 -10.12 10.85 25.23
N LEU B 254 -9.08 11.68 25.30
CA LEU B 254 -9.06 12.88 26.12
C LEU B 254 -9.34 14.13 25.27
N LEU B 255 -10.25 14.98 25.75
CA LEU B 255 -10.62 16.24 25.12
C LEU B 255 -10.56 17.33 26.16
N GLY B 256 -10.26 18.56 25.73
CA GLY B 256 -10.30 19.72 26.60
C GLY B 256 -10.24 20.93 25.72
N LYS B 257 -9.65 22.00 26.25
CA LYS B 257 -9.38 23.23 25.50
C LYS B 257 -10.61 23.78 24.77
N ALA B 258 -10.69 23.55 23.45
CA ALA B 258 -11.77 24.08 22.62
C ALA B 258 -13.15 23.49 22.95
N LEU B 259 -13.19 22.45 23.78
CA LEU B 259 -14.41 21.89 24.28
C LEU B 259 -15.35 22.96 24.93
N SER B 260 -14.80 24.10 25.37
CA SER B 260 -15.58 25.23 25.87
C SER B 260 -15.47 26.53 25.05
N GLY B 261 -14.72 26.51 23.95
CA GLY B 261 -14.38 27.74 23.24
C GLY B 261 -13.66 28.80 24.09
N GLY B 262 -12.96 28.35 25.14
CA GLY B 262 -12.20 29.22 26.02
C GLY B 262 -13.00 29.94 27.08
N LEU B 263 -14.29 29.60 27.20
CA LEU B 263 -15.16 30.31 28.13
C LEU B 263 -15.19 29.75 29.54
N TYR B 264 -14.73 28.50 29.71
CA TYR B 264 -14.82 27.75 30.98
C TYR B 264 -13.93 26.51 30.89
N PRO B 265 -13.15 26.14 31.94
CA PRO B 265 -12.30 24.95 31.90
C PRO B 265 -13.19 23.70 31.96
N VAL B 266 -13.40 23.08 30.81
CA VAL B 266 -14.07 21.81 30.66
C VAL B 266 -13.14 20.80 29.97
N SER B 267 -13.11 19.58 30.50
CA SER B 267 -12.39 18.47 29.86
C SER B 267 -13.21 17.20 30.00
N ALA B 268 -12.86 16.19 29.21
CA ALA B 268 -13.68 14.97 29.11
C ALA B 268 -12.82 13.78 28.86
N VAL B 269 -13.21 12.66 29.46
CA VAL B 269 -12.58 11.39 29.21
C VAL B 269 -13.67 10.50 28.61
N LEU B 270 -13.47 10.09 27.36
CA LEU B 270 -14.40 9.17 26.67
C LEU B 270 -13.86 7.74 26.59
N CYS B 271 -14.70 6.75 26.94
CA CYS B 271 -14.44 5.33 26.75
C CYS B 271 -15.72 4.50 26.95
N ASP B 272 -15.63 3.22 26.56
CA ASP B 272 -16.73 2.28 26.64
C ASP B 272 -16.90 1.74 28.05
N ASP B 273 -18.02 1.07 28.30
CA ASP B 273 -18.42 0.57 29.61
C ASP B 273 -17.39 -0.33 30.30
N ASP B 274 -16.78 -1.25 29.54
CA ASP B 274 -15.82 -2.22 30.11
C ASP B 274 -14.61 -1.55 30.78
N ILE B 275 -14.28 -0.33 30.35
CA ILE B 275 -13.24 0.46 30.94
C ILE B 275 -13.88 1.43 31.97
N MET B 276 -14.87 2.19 31.53
CA MET B 276 -15.39 3.28 32.35
C MET B 276 -15.88 2.80 33.74
N LEU B 277 -16.60 1.67 33.75
CA LEU B 277 -17.26 1.20 34.95
C LEU B 277 -16.35 0.45 35.93
N THR B 278 -15.04 0.40 35.66
CA THR B 278 -14.07 -0.10 36.65
C THR B 278 -13.97 0.83 37.86
N ILE B 279 -14.32 2.10 37.67
CA ILE B 279 -14.39 3.08 38.76
C ILE B 279 -15.82 3.12 39.32
N LYS B 280 -15.96 2.78 40.59
CA LYS B 280 -17.24 2.66 41.27
C LYS B 280 -17.62 3.98 41.94
N PRO B 281 -18.89 4.15 42.39
CA PRO B 281 -19.30 5.37 43.11
C PRO B 281 -18.38 5.68 44.30
N GLY B 282 -17.95 6.93 44.43
CA GLY B 282 -17.10 7.36 45.51
C GLY B 282 -15.61 7.24 45.30
N GLU B 283 -15.19 6.73 44.13
CA GLU B 283 -13.77 6.45 43.85
C GLU B 283 -13.02 7.46 42.96
N HIS B 284 -13.75 8.43 42.44
CA HIS B 284 -13.16 9.46 41.59
C HIS B 284 -14.11 10.61 41.39
N GLY B 285 -13.55 11.82 41.28
CA GLY B 285 -14.36 13.00 41.06
C GLY B 285 -13.56 14.27 41.06
N SER B 286 -14.29 15.36 41.31
CA SER B 286 -13.85 16.76 41.17
C SER B 286 -15.05 17.62 41.61
N THR B 287 -14.78 18.70 42.33
CA THR B 287 -15.84 19.60 42.76
C THR B 287 -16.67 20.16 41.57
N TYR B 288 -15.97 20.72 40.57
CA TYR B 288 -16.51 21.49 39.42
C TYR B 288 -16.79 20.56 38.22
N GLY B 289 -16.32 19.30 38.26
CA GLY B 289 -16.52 18.38 37.16
C GLY B 289 -17.97 18.13 36.89
N GLY B 290 -18.41 18.49 35.68
CA GLY B 290 -19.78 18.26 35.22
C GLY B 290 -20.82 19.26 35.70
N ASN B 291 -20.36 20.42 36.16
CA ASN B 291 -21.22 21.47 36.67
C ASN B 291 -22.11 21.97 35.53
N PRO B 292 -23.35 22.46 35.80
CA PRO B 292 -24.27 22.82 34.73
C PRO B 292 -23.79 23.96 33.81
N LEU B 293 -22.99 24.90 34.32
CA LEU B 293 -22.53 26.01 33.52
C LEU B 293 -21.51 25.61 32.44
N GLY B 294 -20.47 24.89 32.84
CA GLY B 294 -19.53 24.26 31.93
C GLY B 294 -20.23 23.42 30.84
N CYS B 295 -21.20 22.60 31.25
CA CYS B 295 -21.96 21.75 30.31
C CYS B 295 -22.74 22.51 29.26
N ARG B 296 -23.43 23.60 29.65
CA ARG B 296 -24.16 24.49 28.69
C ARG B 296 -23.16 25.08 27.69
N VAL B 297 -21.99 25.52 28.17
CA VAL B 297 -20.93 26.08 27.33
C VAL B 297 -20.39 25.04 26.35
N ALA B 298 -20.13 23.83 26.86
CA ALA B 298 -19.57 22.74 26.09
C ALA B 298 -20.47 22.28 24.95
N ILE B 299 -21.78 22.14 25.23
CA ILE B 299 -22.77 21.83 24.18
C ILE B 299 -22.69 22.86 23.06
N ALA B 300 -22.74 24.15 23.44
CA ALA B 300 -22.70 25.25 22.48
C ALA B 300 -21.40 25.26 21.65
N ALA B 301 -20.27 25.02 22.32
CA ALA B 301 -18.94 24.94 21.70
C ALA B 301 -18.82 23.83 20.63
N LEU B 302 -19.35 22.64 20.95
CA LEU B 302 -19.35 21.53 20.02
C LEU B 302 -20.29 21.83 18.84
N GLU B 303 -21.48 22.37 19.15
CA GLU B 303 -22.46 22.78 18.12
C GLU B 303 -21.85 23.73 17.10
N VAL B 304 -21.10 24.72 17.58
CA VAL B 304 -20.37 25.66 16.72
C VAL B 304 -19.45 24.91 15.74
N LEU B 305 -18.54 24.07 16.26
CA LEU B 305 -17.60 23.32 15.44
C LEU B 305 -18.31 22.56 14.32
N GLU B 306 -19.44 21.92 14.65
CA GLU B 306 -20.25 21.15 13.69
C GLU B 306 -21.00 22.06 12.69
N GLU B 307 -21.77 23.01 13.23
CA GLU B 307 -22.60 23.96 12.47
C GLU B 307 -21.82 24.72 11.41
N GLU B 308 -20.62 25.19 11.76
CA GLU B 308 -19.81 26.05 10.90
C GLU B 308 -18.75 25.27 10.08
N ASN B 309 -18.77 23.94 10.15
CA ASN B 309 -17.87 23.08 9.39
C ASN B 309 -16.42 23.50 9.50
N LEU B 310 -15.97 23.76 10.73
CA LEU B 310 -14.62 24.27 10.94
C LEU B 310 -13.53 23.28 10.60
N ALA B 311 -13.78 21.97 10.79
CA ALA B 311 -12.84 20.93 10.38
C ALA B 311 -12.49 21.03 8.88
N GLU B 312 -13.52 21.10 8.03
CA GLU B 312 -13.34 21.28 6.59
C GLU B 312 -12.54 22.55 6.30
N ASN B 313 -12.90 23.66 6.98
CA ASN B 313 -12.17 24.92 6.86
C ASN B 313 -10.69 24.80 7.24
N ALA B 314 -10.41 24.15 8.37
CA ALA B 314 -9.04 23.98 8.82
C ALA B 314 -8.21 23.17 7.84
N ASP B 315 -8.81 22.13 7.24
CA ASP B 315 -8.12 21.29 6.27
C ASP B 315 -7.78 22.13 5.03
N LYS B 316 -8.76 22.87 4.51
CA LYS B 316 -8.59 23.65 3.28
C LYS B 316 -7.57 24.76 3.42
N LEU B 317 -7.71 25.57 4.47
CA LEU B 317 -6.80 26.68 4.75
C LEU B 317 -5.40 26.26 5.22
N GLY B 318 -5.31 25.13 5.93
CA GLY B 318 -4.05 24.53 6.32
C GLY B 318 -3.09 24.29 5.17
N ILE B 319 -3.58 23.66 4.10
CA ILE B 319 -2.81 23.38 2.89
C ILE B 319 -2.23 24.68 2.31
N ILE B 320 -3.10 25.69 2.18
CA ILE B 320 -2.69 27.02 1.74
C ILE B 320 -1.58 27.59 2.62
N LEU B 321 -1.77 27.54 3.95
CA LEU B 321 -0.78 28.07 4.87
C LEU B 321 0.59 27.40 4.68
N ARG B 322 0.61 26.07 4.66
CA ARG B 322 1.88 25.28 4.54
C ARG B 322 2.53 25.53 3.19
N ASN B 323 1.76 25.51 2.09
CA ASN B 323 2.33 25.76 0.77
C ASN B 323 3.02 27.13 0.67
N GLU B 324 2.42 28.16 1.29
CA GLU B 324 2.99 29.49 1.27
C GLU B 324 4.23 29.58 2.16
N LEU B 325 4.19 28.93 3.32
CA LEU B 325 5.34 28.90 4.23
C LEU B 325 6.54 28.22 3.57
N MET B 326 6.28 27.19 2.75
CA MET B 326 7.36 26.46 2.07
C MET B 326 8.09 27.28 0.99
N LYS B 327 7.52 28.41 0.58
CA LYS B 327 8.13 29.31 -0.39
C LYS B 327 9.21 30.20 0.23
N LEU B 328 9.29 30.24 1.56
CA LEU B 328 10.33 31.00 2.24
C LEU B 328 11.67 30.31 2.04
N PRO B 329 12.79 31.07 1.92
CA PRO B 329 14.09 30.48 1.61
C PRO B 329 14.49 29.41 2.64
N SER B 330 15.08 28.30 2.18
CA SER B 330 15.58 27.27 3.08
C SER B 330 16.69 27.62 4.06
N ASP B 331 17.38 28.73 3.75
CA ASP B 331 18.40 29.34 4.61
C ASP B 331 17.86 29.96 5.88
N VAL B 332 16.59 30.38 5.86
CA VAL B 332 15.95 31.07 6.97
C VAL B 332 14.97 30.12 7.72
N VAL B 333 14.18 29.40 6.93
CA VAL B 333 13.22 28.40 7.41
C VAL B 333 13.66 27.01 6.94
N THR B 334 13.97 26.13 7.89
CA THR B 334 14.56 24.83 7.60
C THR B 334 13.51 23.71 7.49
N ALA B 335 12.29 23.96 7.99
CA ALA B 335 11.18 23.01 7.90
C ALA B 335 9.82 23.69 8.13
N VAL B 336 8.78 23.12 7.52
CA VAL B 336 7.39 23.48 7.71
C VAL B 336 6.67 22.17 7.96
N ARG B 337 5.83 22.10 9.01
CA ARG B 337 5.07 20.86 9.36
C ARG B 337 3.71 21.19 9.98
N GLY B 338 2.80 20.21 9.95
CA GLY B 338 1.50 20.36 10.54
C GLY B 338 0.40 19.68 9.75
N LYS B 339 -0.80 19.71 10.33
CA LYS B 339 -1.99 19.16 9.71
C LYS B 339 -3.07 20.17 10.03
N GLY B 340 -3.95 20.39 9.05
CA GLY B 340 -5.00 21.40 9.20
C GLY B 340 -4.38 22.72 9.62
N LEU B 341 -4.90 23.34 10.70
CA LEU B 341 -4.42 24.62 11.17
C LEU B 341 -3.54 24.51 12.44
N LEU B 342 -2.99 23.31 12.65
CA LEU B 342 -1.93 23.12 13.63
C LEU B 342 -0.63 22.96 12.86
N ASN B 343 0.17 24.04 12.86
CA ASN B 343 1.36 24.14 12.04
C ASN B 343 2.49 24.84 12.79
N ALA B 344 3.71 24.67 12.27
CA ALA B 344 4.92 25.27 12.82
C ALA B 344 6.00 25.36 11.78
N ILE B 345 6.91 26.33 11.97
CA ILE B 345 8.12 26.44 11.16
C ILE B 345 9.32 26.32 12.06
N VAL B 346 10.41 25.79 11.50
CA VAL B 346 11.69 25.70 12.17
C VAL B 346 12.65 26.66 11.49
N ILE B 347 13.28 27.53 12.30
CA ILE B 347 14.17 28.59 11.84
C ILE B 347 15.63 28.15 11.98
N LYS B 348 16.47 28.65 11.07
CA LYS B 348 17.92 28.45 11.12
C LYS B 348 18.49 29.46 12.13
N GLU B 349 18.31 29.15 13.41
CA GLU B 349 18.77 30.01 14.49
C GLU B 349 20.28 30.14 14.47
N THR B 350 20.75 31.38 14.53
CA THR B 350 22.15 31.69 14.80
C THR B 350 22.12 32.35 16.16
N LYS B 351 23.25 32.92 16.57
CA LYS B 351 23.33 33.78 17.75
C LYS B 351 22.80 35.19 17.47
N ASP B 352 22.84 35.57 16.18
CA ASP B 352 22.28 36.85 15.71
C ASP B 352 20.75 36.91 15.79
N TRP B 353 20.08 35.78 15.58
CA TRP B 353 18.63 35.78 15.36
C TRP B 353 17.98 34.42 15.68
N ASP B 354 16.76 34.48 16.23
CA ASP B 354 16.07 33.33 16.81
C ASP B 354 14.56 33.51 16.77
N ALA B 355 13.84 32.46 17.18
CA ALA B 355 12.37 32.44 17.17
C ALA B 355 11.75 33.54 18.03
N TRP B 356 12.35 33.82 19.18
CA TRP B 356 11.88 34.89 20.07
C TRP B 356 11.90 36.25 19.37
N LYS B 357 13.04 36.58 18.76
CA LYS B 357 13.18 37.80 17.96
C LYS B 357 12.16 37.91 16.82
N VAL B 358 11.89 36.79 16.15
CA VAL B 358 10.93 36.75 15.07
C VAL B 358 9.54 37.07 15.63
N CYS B 359 9.19 36.44 16.75
CA CYS B 359 7.88 36.67 17.36
C CYS B 359 7.67 38.08 17.92
N LEU B 360 8.76 38.73 18.36
CA LEU B 360 8.71 40.12 18.77
C LEU B 360 8.33 41.02 17.57
N ARG B 361 8.93 40.75 16.41
CA ARG B 361 8.69 41.57 15.18
C ARG B 361 7.33 41.24 14.56
N LEU B 362 6.89 39.98 14.66
CA LEU B 362 5.55 39.58 14.21
C LEU B 362 4.50 40.39 14.97
N ARG B 363 4.66 40.47 16.29
CA ARG B 363 3.84 41.31 17.21
C ARG B 363 3.84 42.76 16.74
N ASP B 364 5.02 43.31 16.44
CA ASP B 364 5.16 44.69 15.94
C ASP B 364 4.43 44.92 14.62
N ASN B 365 4.34 43.85 13.81
CA ASN B 365 3.65 43.88 12.53
C ASN B 365 2.22 43.33 12.57
N GLY B 366 1.69 43.18 13.79
CA GLY B 366 0.27 42.89 14.04
C GLY B 366 -0.17 41.43 14.04
N LEU B 367 0.74 40.51 14.38
CA LEU B 367 0.44 39.07 14.45
C LEU B 367 1.08 38.44 15.67
N LEU B 368 0.29 37.70 16.46
CA LEU B 368 0.73 37.08 17.72
C LEU B 368 0.94 35.57 17.58
N ALA B 369 2.20 35.14 17.73
CA ALA B 369 2.62 33.76 17.74
C ALA B 369 3.61 33.61 18.91
N LYS B 370 3.84 32.37 19.35
CA LYS B 370 4.84 32.14 20.39
C LYS B 370 5.80 31.04 19.98
N PRO B 371 7.13 31.19 20.21
CA PRO B 371 8.07 30.11 19.95
C PRO B 371 7.97 29.02 21.02
N THR B 372 8.41 27.80 20.71
CA THR B 372 8.40 26.71 21.68
C THR B 372 9.74 26.06 21.93
N HIS B 373 10.80 26.57 21.29
CA HIS B 373 12.17 26.09 21.54
C HIS B 373 13.32 27.03 21.10
N GLY B 374 12.99 28.25 20.66
CA GLY B 374 14.00 29.18 20.18
C GLY B 374 14.34 29.01 18.71
N ASP B 375 14.00 27.85 18.13
CA ASP B 375 14.00 27.66 16.68
C ASP B 375 12.63 27.30 16.06
N ILE B 376 11.62 27.00 16.89
CA ILE B 376 10.28 26.62 16.43
C ILE B 376 9.31 27.74 16.71
N ILE B 377 8.49 28.09 15.70
CA ILE B 377 7.39 29.01 15.84
C ILE B 377 6.10 28.33 15.40
N ARG B 378 5.09 28.33 16.27
CA ARG B 378 3.75 27.75 16.01
C ARG B 378 2.89 28.76 15.25
N PHE B 379 2.11 28.27 14.27
CA PHE B 379 1.14 29.09 13.57
C PHE B 379 -0.19 28.36 13.59
N ALA B 380 -1.12 28.90 14.39
CA ALA B 380 -2.34 28.20 14.76
C ALA B 380 -3.46 29.21 15.04
N PRO B 381 -4.05 29.81 13.99
CA PRO B 381 -5.13 30.79 14.15
C PRO B 381 -6.46 30.08 14.42
N PRO B 382 -7.48 30.78 14.95
CA PRO B 382 -8.81 30.21 15.10
C PRO B 382 -9.35 29.65 13.78
N LEU B 383 -10.18 28.61 13.85
CA LEU B 383 -10.65 27.89 12.71
C LEU B 383 -11.73 28.66 11.91
N VAL B 384 -12.27 29.73 12.51
CA VAL B 384 -13.21 30.66 11.88
C VAL B 384 -12.57 31.68 10.91
N ILE B 385 -11.24 31.69 10.84
CA ILE B 385 -10.51 32.54 9.90
C ILE B 385 -10.92 32.22 8.45
N LYS B 386 -10.99 33.29 7.64
CA LYS B 386 -11.32 33.21 6.22
C LYS B 386 -10.05 33.29 5.39
N GLU B 387 -10.13 32.87 4.13
CA GLU B 387 -8.99 32.87 3.24
C GLU B 387 -8.31 34.24 3.10
N ASP B 388 -9.10 35.31 2.89
CA ASP B 388 -8.51 36.65 2.72
C ASP B 388 -7.79 37.10 4.00
N GLU B 389 -8.36 36.75 5.16
CA GLU B 389 -7.74 36.99 6.46
C GLU B 389 -6.45 36.18 6.58
N LEU B 390 -6.50 34.92 6.12
CA LEU B 390 -5.35 34.05 6.17
C LEU B 390 -4.24 34.60 5.29
N ARG B 391 -4.57 35.04 4.07
CA ARG B 391 -3.57 35.54 3.10
C ARG B 391 -2.97 36.85 3.63
N GLU B 392 -3.79 37.73 4.24
CA GLU B 392 -3.28 38.94 4.88
C GLU B 392 -2.22 38.58 5.95
N SER B 393 -2.54 37.56 6.77
CA SER B 393 -1.63 37.08 7.82
C SER B 393 -0.32 36.54 7.25
N ILE B 394 -0.43 35.76 6.16
CA ILE B 394 0.72 35.18 5.49
C ILE B 394 1.64 36.29 4.96
N GLU B 395 1.02 37.37 4.47
CA GLU B 395 1.77 38.51 4.03
C GLU B 395 2.56 39.10 5.21
N ILE B 396 1.93 39.22 6.38
CA ILE B 396 2.63 39.70 7.58
C ILE B 396 3.82 38.81 7.93
N ILE B 397 3.59 37.49 7.91
CA ILE B 397 4.62 36.50 8.24
C ILE B 397 5.82 36.62 7.27
N ASN B 398 5.53 36.66 5.96
CA ASN B 398 6.56 36.82 4.93
C ASN B 398 7.37 38.11 5.08
N LYS B 399 6.66 39.23 5.24
CA LYS B 399 7.27 40.54 5.45
C LYS B 399 8.24 40.48 6.65
N THR B 400 7.77 39.88 7.74
CA THR B 400 8.55 39.81 8.97
C THR B 400 9.81 38.95 8.85
N ILE B 401 9.65 37.71 8.38
CA ILE B 401 10.76 36.77 8.21
C ILE B 401 11.83 37.35 7.28
N LEU B 402 11.39 37.89 6.14
CA LEU B 402 12.30 38.46 5.13
C LEU B 402 12.86 39.85 5.51
N SER B 403 12.40 40.43 6.61
CA SER B 403 12.90 41.73 7.09
C SER B 403 14.15 41.61 7.98
N PHE B 404 14.54 40.38 8.33
CA PHE B 404 15.74 40.12 9.12
C PHE B 404 16.98 40.12 8.22
N PRO C 3 -10.58 -51.60 6.81
CA PRO C 3 -10.60 -50.70 5.65
C PRO C 3 -9.46 -49.67 5.76
N THR C 4 -8.37 -49.86 5.03
CA THR C 4 -7.10 -49.15 5.27
C THR C 4 -7.08 -47.83 4.54
N SER C 5 -6.05 -47.03 4.80
CA SER C 5 -5.83 -45.77 4.09
C SER C 5 -5.70 -46.04 2.60
N ASP C 6 -4.90 -47.03 2.23
CA ASP C 6 -4.73 -47.40 0.81
C ASP C 6 -6.01 -47.85 0.11
N ASP C 7 -6.86 -48.60 0.83
CA ASP C 7 -8.19 -48.99 0.35
C ASP C 7 -9.01 -47.74 0.02
N ILE C 8 -9.01 -46.79 0.95
CA ILE C 8 -9.74 -45.53 0.83
C ILE C 8 -9.32 -44.75 -0.41
N PHE C 9 -8.00 -44.63 -0.64
CA PHE C 9 -7.45 -43.93 -1.80
C PHE C 9 -7.88 -44.61 -3.11
N GLU C 10 -7.71 -45.93 -3.17
CA GLU C 10 -7.98 -46.70 -4.40
C GLU C 10 -9.48 -46.68 -4.75
N ARG C 11 -10.35 -46.77 -3.74
CA ARG C 11 -11.84 -46.70 -3.91
C ARG C 11 -12.24 -45.34 -4.52
N GLU C 12 -11.69 -44.24 -4.01
CA GLU C 12 -11.92 -42.92 -4.59
C GLU C 12 -11.42 -42.80 -6.04
N TYR C 13 -10.21 -43.32 -6.31
CA TYR C 13 -9.59 -43.36 -7.65
C TYR C 13 -10.57 -44.02 -8.63
N LYS C 14 -11.22 -45.12 -8.20
CA LYS C 14 -12.16 -45.85 -9.06
C LYS C 14 -13.48 -45.11 -9.35
N TYR C 15 -14.17 -44.64 -8.30
CA TYR C 15 -15.60 -44.24 -8.34
C TYR C 15 -15.80 -42.70 -8.29
N GLY C 16 -14.73 -41.95 -7.98
CA GLY C 16 -14.81 -40.51 -7.91
C GLY C 16 -14.06 -39.79 -9.03
N ALA C 17 -14.54 -38.58 -9.38
CA ALA C 17 -13.81 -37.71 -10.27
C ALA C 17 -12.40 -37.45 -9.71
N HIS C 18 -11.46 -37.20 -10.62
CA HIS C 18 -10.06 -36.97 -10.28
C HIS C 18 -9.76 -35.47 -10.29
N ASN C 19 -10.64 -34.67 -9.66
CA ASN C 19 -10.49 -33.21 -9.72
C ASN C 19 -9.58 -32.67 -8.61
N TYR C 20 -9.17 -33.56 -7.70
CA TYR C 20 -8.20 -33.27 -6.61
C TYR C 20 -7.02 -34.25 -6.62
N HIS C 21 -5.85 -33.79 -6.13
CA HIS C 21 -4.76 -34.65 -5.70
C HIS C 21 -4.52 -34.33 -4.22
N PRO C 22 -5.26 -34.98 -3.30
CA PRO C 22 -5.12 -34.72 -1.85
C PRO C 22 -3.80 -35.25 -1.27
N LEU C 23 -3.42 -34.71 -0.11
CA LEU C 23 -2.31 -35.26 0.65
C LEU C 23 -2.75 -36.65 1.10
N PRO C 24 -1.94 -37.71 0.85
CA PRO C 24 -2.35 -39.08 1.19
C PRO C 24 -2.48 -39.34 2.69
N VAL C 25 -3.64 -38.98 3.25
CA VAL C 25 -4.01 -39.25 4.64
C VAL C 25 -5.54 -39.40 4.64
N ALA C 26 -6.03 -40.45 5.29
CA ALA C 26 -7.46 -40.81 5.32
C ALA C 26 -8.08 -40.67 6.70
N LEU C 27 -8.75 -39.52 6.91
CA LEU C 27 -9.29 -39.13 8.20
C LEU C 27 -10.70 -39.66 8.44
N GLU C 28 -10.99 -40.04 9.70
CA GLU C 28 -12.31 -40.54 10.08
C GLU C 28 -12.94 -39.88 11.30
N ARG C 29 -12.14 -39.17 12.10
CA ARG C 29 -12.63 -38.43 13.29
C ARG C 29 -11.89 -37.10 13.41
N GLY C 30 -12.60 -36.05 13.86
CA GLY C 30 -12.01 -34.78 14.23
C GLY C 30 -12.65 -34.19 15.46
N LYS C 31 -11.82 -33.55 16.31
CA LYS C 31 -12.27 -32.89 17.51
C LYS C 31 -11.29 -31.77 17.84
N GLY C 32 -11.80 -30.54 17.86
CA GLY C 32 -11.01 -29.34 18.13
C GLY C 32 -9.91 -29.18 17.09
N ILE C 33 -8.65 -29.18 17.56
CA ILE C 33 -7.50 -29.00 16.66
C ILE C 33 -6.98 -30.29 16.01
N TYR C 34 -7.53 -31.43 16.39
CA TYR C 34 -6.95 -32.77 16.08
C TYR C 34 -7.81 -33.50 15.03
N LEU C 35 -7.12 -34.27 14.20
CA LEU C 35 -7.75 -35.23 13.31
C LEU C 35 -7.14 -36.62 13.55
N TRP C 36 -7.97 -37.66 13.37
CA TRP C 36 -7.53 -39.05 13.44
C TRP C 36 -7.80 -39.76 12.14
N ASP C 37 -6.79 -40.50 11.65
CA ASP C 37 -6.96 -41.37 10.49
C ASP C 37 -7.48 -42.75 10.87
N VAL C 38 -7.75 -43.56 9.86
CA VAL C 38 -8.36 -44.89 10.01
C VAL C 38 -7.45 -45.92 10.72
N GLU C 39 -6.13 -45.66 10.69
CA GLU C 39 -5.15 -46.43 11.46
C GLU C 39 -5.07 -46.02 12.94
N GLY C 40 -5.73 -44.91 13.30
CA GLY C 40 -5.74 -44.38 14.66
C GLY C 40 -4.72 -43.29 14.95
N ARG C 41 -3.94 -42.90 13.94
CA ARG C 41 -2.87 -41.88 14.07
C ARG C 41 -3.50 -40.50 14.33
N LYS C 42 -2.87 -39.70 15.18
CA LYS C 42 -3.41 -38.39 15.60
C LYS C 42 -2.57 -37.28 14.96
N TYR C 43 -3.24 -36.22 14.52
CA TYR C 43 -2.62 -35.11 13.75
C TYR C 43 -3.14 -33.75 14.25
N PHE C 44 -2.25 -32.76 14.29
CA PHE C 44 -2.67 -31.37 14.34
C PHE C 44 -3.21 -31.02 12.93
N ASP C 45 -4.39 -30.41 12.87
CA ASP C 45 -4.94 -29.85 11.64
C ASP C 45 -4.40 -28.45 11.50
N PHE C 46 -3.51 -28.24 10.53
CA PHE C 46 -3.00 -26.91 10.22
C PHE C 46 -3.54 -26.32 8.91
N LEU C 47 -4.69 -26.86 8.48
CA LEU C 47 -5.43 -26.33 7.34
C LEU C 47 -6.80 -25.77 7.71
N SER C 48 -7.45 -26.35 8.73
CA SER C 48 -8.79 -25.95 9.20
C SER C 48 -9.83 -25.88 8.07
N SER C 49 -9.71 -26.79 7.09
CA SER C 49 -10.65 -26.88 5.99
C SER C 49 -10.82 -25.49 5.29
N TYR C 50 -9.68 -24.85 5.00
CA TYR C 50 -9.54 -23.49 4.39
C TYR C 50 -10.28 -22.44 5.22
N SER C 51 -10.23 -22.56 6.55
CA SER C 51 -10.89 -21.72 7.55
C SER C 51 -12.36 -22.04 7.83
N ALA C 52 -12.89 -23.15 7.30
CA ALA C 52 -14.25 -23.51 7.61
C ALA C 52 -14.41 -24.00 9.05
N VAL C 53 -13.37 -24.61 9.62
CA VAL C 53 -13.43 -25.07 11.02
C VAL C 53 -12.57 -24.23 11.97
N ASN C 54 -12.78 -22.91 11.91
CA ASN C 54 -12.16 -21.96 12.85
C ASN C 54 -12.46 -22.32 14.31
N GLN C 55 -13.67 -22.86 14.55
CA GLN C 55 -14.13 -23.24 15.88
C GLN C 55 -13.57 -24.57 16.42
N GLY C 56 -12.79 -25.27 15.58
CA GLY C 56 -12.36 -26.62 15.82
C GLY C 56 -13.35 -27.58 15.22
N HIS C 57 -12.89 -28.79 14.92
CA HIS C 57 -13.78 -29.85 14.39
C HIS C 57 -14.85 -30.19 15.40
N CYS C 58 -16.09 -30.31 14.91
CA CYS C 58 -17.25 -30.74 15.71
C CYS C 58 -17.36 -30.01 17.08
N HIS C 59 -17.39 -28.69 17.06
CA HIS C 59 -17.58 -27.90 18.28
C HIS C 59 -18.93 -28.25 18.90
N PRO C 60 -19.00 -28.65 20.20
CA PRO C 60 -20.24 -29.20 20.77
C PRO C 60 -21.44 -28.25 20.76
N LYS C 61 -21.21 -26.94 20.90
CA LYS C 61 -22.29 -25.96 20.83
C LYS C 61 -22.93 -25.97 19.44
N ILE C 62 -22.10 -26.13 18.40
CA ILE C 62 -22.59 -26.03 17.02
C ILE C 62 -23.29 -27.37 16.66
N VAL C 63 -22.73 -28.47 17.14
CA VAL C 63 -23.31 -29.81 17.00
C VAL C 63 -24.70 -29.89 17.68
N ASN C 64 -24.80 -29.33 18.89
CA ASN C 64 -26.06 -29.32 19.62
C ASN C 64 -27.18 -28.52 18.93
N ALA C 65 -26.79 -27.44 18.25
CA ALA C 65 -27.72 -26.64 17.46
C ALA C 65 -28.27 -27.43 16.28
N LEU C 66 -27.37 -28.12 15.58
CA LEU C 66 -27.71 -28.99 14.45
C LEU C 66 -28.63 -30.14 14.89
N LYS C 67 -28.27 -30.83 15.98
CA LYS C 67 -29.09 -31.91 16.52
C LYS C 67 -30.47 -31.48 17.02
N SER C 68 -30.54 -30.31 17.67
CA SER C 68 -31.81 -29.77 18.13
C SER C 68 -32.75 -29.48 16.96
N GLN C 69 -32.25 -28.77 15.95
CA GLN C 69 -33.08 -28.29 14.84
C GLN C 69 -33.52 -29.38 13.81
N VAL C 70 -32.68 -30.40 13.64
CA VAL C 70 -32.94 -31.48 12.69
C VAL C 70 -34.16 -32.32 13.04
N ASP C 71 -34.53 -32.30 14.32
CA ASP C 71 -35.71 -32.99 14.82
C ASP C 71 -36.98 -32.16 14.53
N LYS C 72 -36.79 -30.86 14.24
CA LYS C 72 -37.90 -29.94 14.11
C LYS C 72 -38.30 -29.73 12.67
N LEU C 73 -37.38 -29.16 11.89
CA LEU C 73 -37.63 -28.77 10.52
C LEU C 73 -36.31 -28.39 9.86
N THR C 74 -36.08 -28.87 8.62
CA THR C 74 -34.79 -28.62 7.95
C THR C 74 -34.86 -27.82 6.64
N LEU C 75 -35.99 -27.86 5.95
CA LEU C 75 -36.10 -27.23 4.62
C LEU C 75 -37.54 -27.13 4.14
N THR C 76 -38.02 -25.90 3.96
CA THR C 76 -39.33 -25.63 3.39
C THR C 76 -39.30 -25.12 1.95
N SER C 77 -38.11 -24.71 1.51
CA SER C 77 -37.88 -23.85 0.34
C SER C 77 -38.38 -22.47 0.69
N ARG C 78 -38.02 -21.49 -0.14
CA ARG C 78 -38.36 -20.05 0.07
C ARG C 78 -39.74 -19.75 -0.53
N ALA C 79 -40.45 -20.77 -1.00
CA ALA C 79 -41.86 -20.65 -1.36
C ALA C 79 -42.71 -20.25 -0.16
N PHE C 80 -42.24 -20.60 1.05
CA PHE C 80 -42.88 -20.27 2.33
C PHE C 80 -41.83 -19.70 3.27
N TYR C 81 -42.29 -19.18 4.41
CA TYR C 81 -41.44 -18.70 5.53
C TYR C 81 -41.16 -19.85 6.51
N ASN C 82 -39.92 -19.89 7.02
CA ASN C 82 -39.59 -20.66 8.21
C ASN C 82 -39.37 -19.67 9.35
N ASN C 83 -39.36 -20.16 10.60
CA ASN C 83 -39.32 -19.29 11.78
C ASN C 83 -37.91 -18.87 12.23
N VAL C 84 -36.89 -19.55 11.71
CA VAL C 84 -35.50 -19.31 12.11
C VAL C 84 -34.80 -18.20 11.33
N LEU C 85 -35.04 -18.15 10.01
CA LEU C 85 -34.27 -17.27 9.12
C LEU C 85 -34.22 -15.80 9.60
N GLY C 86 -35.36 -15.22 9.96
CA GLY C 86 -35.45 -13.87 10.42
C GLY C 86 -34.70 -13.62 11.74
N GLU C 87 -34.68 -14.60 12.64
CA GLU C 87 -33.89 -14.56 13.86
C GLU C 87 -32.38 -14.47 13.51
N TYR C 88 -31.93 -15.31 12.58
CA TYR C 88 -30.53 -15.31 12.07
C TYR C 88 -30.23 -13.98 11.37
N GLU C 89 -31.12 -13.49 10.51
CA GLU C 89 -30.91 -12.25 9.75
C GLU C 89 -30.72 -11.05 10.68
N GLU C 90 -31.58 -10.93 11.69
CA GLU C 90 -31.47 -9.86 12.67
C GLU C 90 -30.13 -9.92 13.42
N TYR C 91 -29.74 -11.14 13.82
CA TYR C 91 -28.48 -11.42 14.58
C TYR C 91 -27.25 -10.98 13.74
N ILE C 92 -27.10 -11.50 12.53
CA ILE C 92 -25.91 -11.23 11.71
C ILE C 92 -25.80 -9.78 11.23
N THR C 93 -26.94 -9.16 10.90
CA THR C 93 -26.97 -7.79 10.40
C THR C 93 -26.56 -6.82 11.51
N LYS C 94 -27.08 -7.05 12.73
CA LYS C 94 -26.71 -6.29 13.91
C LYS C 94 -25.25 -6.49 14.30
N LEU C 95 -24.74 -7.72 14.19
CA LEU C 95 -23.34 -8.02 14.51
C LEU C 95 -22.34 -7.27 13.61
N PHE C 96 -22.58 -7.29 12.29
CA PHE C 96 -21.68 -6.63 11.31
C PHE C 96 -22.07 -5.20 10.92
N ASN C 97 -23.23 -4.76 11.41
CA ASN C 97 -23.77 -3.42 11.19
C ASN C 97 -23.99 -3.06 9.72
N TYR C 98 -24.80 -3.86 9.06
CA TYR C 98 -25.39 -3.59 7.72
C TYR C 98 -26.91 -3.76 7.83
N HIS C 99 -27.67 -3.11 6.95
CA HIS C 99 -29.13 -3.13 7.04
C HIS C 99 -29.64 -4.56 6.82
N LYS C 100 -29.06 -5.27 5.84
CA LYS C 100 -29.62 -6.51 5.37
C LYS C 100 -28.61 -7.64 5.01
N VAL C 101 -29.11 -8.87 5.03
CA VAL C 101 -28.35 -10.01 4.60
C VAL C 101 -29.15 -10.78 3.56
N LEU C 102 -28.43 -11.31 2.55
CA LEU C 102 -28.99 -12.25 1.60
C LEU C 102 -28.31 -13.58 1.85
N PRO C 103 -29.05 -14.64 2.25
CA PRO C 103 -28.46 -15.94 2.55
C PRO C 103 -28.29 -16.85 1.31
N MET C 104 -27.11 -17.46 1.21
CA MET C 104 -26.80 -18.46 0.24
C MET C 104 -26.08 -19.63 0.93
N ASN C 105 -25.55 -20.59 0.16
CA ASN C 105 -24.96 -21.83 0.70
C ASN C 105 -23.45 -21.90 0.61
N THR C 106 -22.89 -21.70 -0.59
CA THR C 106 -21.46 -21.83 -0.81
C THR C 106 -20.85 -20.48 -1.06
N GLY C 107 -19.53 -20.38 -0.84
CA GLY C 107 -18.83 -19.13 -1.04
C GLY C 107 -18.98 -18.56 -2.42
N VAL C 108 -18.92 -19.42 -3.44
CA VAL C 108 -19.01 -18.92 -4.82
C VAL C 108 -20.41 -18.34 -5.11
N GLU C 109 -21.44 -18.91 -4.48
CA GLU C 109 -22.77 -18.39 -4.57
C GLU C 109 -22.86 -16.96 -3.97
N ALA C 110 -22.18 -16.71 -2.85
CA ALA C 110 -22.13 -15.38 -2.26
C ALA C 110 -21.45 -14.42 -3.23
N GLY C 111 -20.33 -14.83 -3.86
CA GLY C 111 -19.65 -14.10 -4.89
C GLY C 111 -20.48 -13.74 -6.12
N GLU C 112 -21.19 -14.74 -6.67
CA GLU C 112 -22.12 -14.57 -7.78
C GLU C 112 -23.22 -13.54 -7.45
N THR C 113 -23.77 -13.65 -6.24
CA THR C 113 -24.79 -12.76 -5.72
C THR C 113 -24.25 -11.32 -5.69
N ALA C 114 -23.03 -11.13 -5.17
CA ALA C 114 -22.41 -9.80 -5.11
C ALA C 114 -22.20 -9.23 -6.52
N CYS C 115 -21.74 -10.07 -7.47
CA CYS C 115 -21.61 -9.63 -8.87
C CYS C 115 -22.97 -9.19 -9.46
N LYS C 116 -24.03 -9.90 -9.11
CA LYS C 116 -25.37 -9.60 -9.57
C LYS C 116 -25.93 -8.31 -8.98
N LEU C 117 -25.71 -8.11 -7.67
CA LEU C 117 -26.05 -6.85 -6.99
C LEU C 117 -25.30 -5.67 -7.55
N ALA C 118 -24.00 -5.86 -7.83
CA ALA C 118 -23.14 -4.82 -8.36
C ALA C 118 -23.63 -4.33 -9.72
N ARG C 119 -23.96 -5.29 -10.59
CA ARG C 119 -24.45 -5.02 -11.96
C ARG C 119 -25.83 -4.35 -11.88
N LYS C 120 -26.77 -4.91 -11.09
CA LYS C 120 -28.09 -4.41 -10.96
C LYS C 120 -28.06 -2.96 -10.41
N TRP C 121 -27.22 -2.73 -9.38
CA TRP C 121 -26.98 -1.38 -8.84
C TRP C 121 -26.33 -0.46 -9.87
N GLY C 122 -25.33 -0.97 -10.58
CA GLY C 122 -24.71 -0.26 -11.70
C GLY C 122 -25.71 0.30 -12.69
N TYR C 123 -26.62 -0.55 -13.18
CA TYR C 123 -27.60 -0.17 -14.23
C TYR C 123 -28.71 0.70 -13.62
N THR C 124 -29.27 0.29 -12.48
CA THR C 124 -30.49 0.90 -11.97
C THR C 124 -30.27 2.16 -11.13
N VAL C 125 -29.11 2.26 -10.44
CA VAL C 125 -28.78 3.38 -9.55
C VAL C 125 -27.72 4.29 -10.16
N LYS C 126 -26.57 3.72 -10.53
CA LYS C 126 -25.49 4.52 -11.09
C LYS C 126 -25.86 5.06 -12.48
N GLY C 127 -26.62 4.29 -13.25
CA GLY C 127 -27.07 4.72 -14.57
C GLY C 127 -26.17 4.27 -15.71
N ILE C 128 -25.40 3.21 -15.49
CA ILE C 128 -24.56 2.61 -16.52
C ILE C 128 -25.48 2.04 -17.57
N GLN C 129 -25.09 2.22 -18.83
CA GLN C 129 -25.82 1.74 -19.97
C GLN C 129 -25.84 0.21 -19.99
N LYS C 130 -27.03 -0.35 -20.25
CA LYS C 130 -27.25 -1.79 -20.17
C LYS C 130 -26.29 -2.63 -20.91
N TYR C 131 -25.60 -3.39 -20.05
CA TYR C 131 -24.67 -4.53 -20.17
C TYR C 131 -23.27 -4.01 -20.51
N LYS C 132 -23.00 -2.73 -20.22
CA LYS C 132 -21.63 -2.20 -20.25
C LYS C 132 -20.95 -2.18 -18.87
N ALA C 133 -21.62 -2.71 -17.84
CA ALA C 133 -21.05 -2.74 -16.49
C ALA C 133 -19.82 -3.61 -16.36
N LYS C 134 -18.81 -3.05 -15.68
CA LYS C 134 -17.61 -3.79 -15.39
C LYS C 134 -17.43 -4.01 -13.90
N ILE C 135 -16.85 -5.18 -13.59
CA ILE C 135 -16.36 -5.50 -12.24
C ILE C 135 -14.85 -5.68 -12.35
N VAL C 136 -14.11 -5.01 -11.46
CA VAL C 136 -12.66 -5.13 -11.37
C VAL C 136 -12.25 -6.10 -10.28
N PHE C 137 -11.20 -6.86 -10.57
CA PHE C 137 -10.70 -7.91 -9.68
C PHE C 137 -9.17 -7.73 -9.61
N ALA C 138 -8.60 -8.28 -8.54
CA ALA C 138 -7.18 -8.41 -8.35
C ALA C 138 -6.64 -9.71 -8.88
N ALA C 139 -5.51 -9.59 -9.57
CA ALA C 139 -4.70 -10.71 -9.96
C ALA C 139 -4.35 -11.57 -8.72
N GLY C 140 -4.48 -12.89 -8.87
CA GLY C 140 -4.30 -13.82 -7.77
C GLY C 140 -5.59 -14.16 -7.02
N ASN C 141 -6.69 -13.48 -7.36
CA ASN C 141 -8.00 -13.71 -6.76
C ASN C 141 -8.49 -15.16 -6.90
N PHE C 142 -9.19 -15.62 -5.86
CA PHE C 142 -9.90 -16.88 -5.93
C PHE C 142 -11.19 -16.67 -5.19
N TRP C 143 -12.31 -16.88 -5.87
CA TRP C 143 -13.63 -16.81 -5.24
C TRP C 143 -14.56 -17.97 -5.59
N GLY C 144 -13.97 -19.05 -6.15
CA GLY C 144 -14.70 -20.23 -6.50
C GLY C 144 -14.51 -20.72 -7.92
N ARG C 145 -15.42 -21.59 -8.36
CA ARG C 145 -15.16 -22.50 -9.51
C ARG C 145 -16.26 -22.45 -10.56
N THR C 146 -17.24 -21.54 -10.43
CA THR C 146 -18.24 -21.35 -11.46
C THR C 146 -17.58 -20.77 -12.73
N LEU C 147 -18.32 -20.78 -13.82
CA LEU C 147 -17.79 -20.23 -15.07
C LEU C 147 -17.46 -18.74 -14.89
N SER C 148 -18.32 -18.02 -14.17
CA SER C 148 -18.01 -16.62 -13.81
C SER C 148 -16.74 -16.45 -12.99
N ALA C 149 -16.59 -17.26 -11.96
CA ALA C 149 -15.49 -17.11 -11.04
C ALA C 149 -14.15 -17.38 -11.70
N ILE C 150 -14.08 -18.40 -12.59
CA ILE C 150 -12.82 -18.69 -13.27
C ILE C 150 -12.54 -17.64 -14.34
N SER C 151 -13.56 -16.91 -14.77
CA SER C 151 -13.41 -15.85 -15.77
C SER C 151 -12.59 -14.67 -15.23
N SER C 152 -12.50 -14.50 -13.90
CA SER C 152 -11.72 -13.41 -13.32
C SER C 152 -10.32 -13.87 -12.84
N SER C 153 -10.06 -15.18 -12.95
CA SER C 153 -8.85 -15.77 -12.45
C SER C 153 -7.65 -15.51 -13.35
N THR C 154 -6.47 -15.33 -12.73
CA THR C 154 -5.21 -15.31 -13.45
C THR C 154 -4.45 -16.63 -13.35
N ASP C 155 -5.09 -17.65 -12.78
CA ASP C 155 -4.48 -18.97 -12.60
C ASP C 155 -4.92 -19.88 -13.75
N PRO C 156 -4.04 -20.23 -14.72
CA PRO C 156 -4.45 -21.07 -15.85
C PRO C 156 -5.06 -22.41 -15.43
N THR C 157 -4.68 -22.97 -14.28
CA THR C 157 -5.31 -24.21 -13.82
C THR C 157 -6.82 -24.03 -13.55
N SER C 158 -7.24 -22.84 -13.11
CA SER C 158 -8.65 -22.49 -12.91
C SER C 158 -9.43 -22.32 -14.23
N TYR C 159 -8.86 -21.63 -15.23
CA TYR C 159 -9.62 -21.19 -16.44
C TYR C 159 -9.33 -22.01 -17.71
N ASP C 160 -8.12 -22.54 -17.91
CA ASP C 160 -7.71 -23.15 -19.17
C ASP C 160 -8.61 -24.35 -19.55
N GLY C 161 -9.16 -24.28 -20.77
CA GLY C 161 -10.03 -25.32 -21.30
C GLY C 161 -11.49 -25.19 -20.88
N PHE C 162 -11.85 -24.06 -20.22
CA PHE C 162 -13.18 -23.88 -19.66
C PHE C 162 -14.13 -22.81 -20.35
N GLY C 163 -13.84 -22.49 -21.61
CA GLY C 163 -14.86 -22.49 -22.77
C GLY C 163 -14.81 -20.99 -22.76
N PRO C 164 -15.63 -20.24 -23.53
CA PRO C 164 -15.47 -18.79 -23.52
C PRO C 164 -15.91 -18.18 -22.17
N PHE C 165 -15.32 -17.05 -21.84
CA PHE C 165 -15.38 -16.48 -20.54
C PHE C 165 -16.42 -15.34 -20.44
N MET C 166 -16.92 -15.13 -19.23
CA MET C 166 -17.79 -14.01 -18.90
C MET C 166 -17.13 -12.67 -19.25
N PRO C 167 -17.74 -11.83 -20.12
CA PRO C 167 -17.20 -10.49 -20.40
C PRO C 167 -17.49 -9.56 -19.22
N GLY C 168 -16.86 -8.38 -19.20
CA GLY C 168 -17.08 -7.40 -18.15
C GLY C 168 -16.32 -7.55 -16.86
N PHE C 169 -15.34 -8.47 -16.85
CA PHE C 169 -14.48 -8.68 -15.67
C PHE C 169 -13.10 -8.21 -16.08
N ASP C 170 -12.59 -7.18 -15.39
CA ASP C 170 -11.26 -6.69 -15.62
C ASP C 170 -10.37 -6.98 -14.43
N ILE C 171 -9.07 -7.12 -14.73
CA ILE C 171 -8.07 -7.62 -13.79
C ILE C 171 -6.96 -6.54 -13.69
N ILE C 172 -6.64 -6.16 -12.45
CA ILE C 172 -5.50 -5.32 -12.08
C ILE C 172 -4.62 -6.05 -11.07
N PRO C 173 -3.35 -5.63 -10.91
CA PRO C 173 -2.49 -6.18 -9.87
C PRO C 173 -3.08 -5.94 -8.47
N TYR C 174 -2.87 -6.90 -7.60
CA TYR C 174 -3.18 -6.83 -6.15
C TYR C 174 -2.26 -5.79 -5.49
N ASN C 175 -2.69 -5.20 -4.38
CA ASN C 175 -1.84 -4.32 -3.58
C ASN C 175 -1.24 -3.20 -4.38
N ASP C 176 -2.05 -2.60 -5.26
CA ASP C 176 -1.59 -1.60 -6.22
C ASP C 176 -2.62 -0.47 -6.36
N LEU C 177 -2.47 0.57 -5.54
CA LEU C 177 -3.37 1.71 -5.56
C LEU C 177 -3.32 2.50 -6.87
N PRO C 178 -2.13 2.84 -7.44
CA PRO C 178 -2.07 3.49 -8.75
C PRO C 178 -2.83 2.72 -9.84
N ALA C 179 -2.76 1.39 -9.84
CA ALA C 179 -3.51 0.55 -10.78
C ALA C 179 -5.01 0.63 -10.62
N LEU C 180 -5.48 0.66 -9.36
CA LEU C 180 -6.89 0.78 -9.09
C LEU C 180 -7.40 2.16 -9.55
N GLU C 181 -6.65 3.21 -9.18
CA GLU C 181 -6.97 4.56 -9.55
C GLU C 181 -7.11 4.67 -11.11
N ARG C 182 -6.17 4.06 -11.83
CA ARG C 182 -6.18 4.03 -13.32
C ARG C 182 -7.47 3.34 -13.79
N ALA C 183 -7.81 2.18 -13.21
CA ALA C 183 -8.91 1.29 -13.68
C ALA C 183 -10.29 1.96 -13.44
N LEU C 184 -10.39 2.70 -12.33
CA LEU C 184 -11.59 3.44 -11.96
C LEU C 184 -11.89 4.71 -12.75
N GLN C 185 -11.02 5.08 -13.71
CA GLN C 185 -11.32 6.16 -14.64
C GLN C 185 -12.50 5.80 -15.56
N ASP C 186 -12.79 4.50 -15.73
CA ASP C 186 -13.89 4.07 -16.60
C ASP C 186 -15.22 4.20 -15.86
N PRO C 187 -16.12 5.13 -16.27
CA PRO C 187 -17.41 5.30 -15.59
C PRO C 187 -18.30 4.05 -15.63
N ASN C 188 -17.95 3.06 -16.46
CA ASN C 188 -18.68 1.80 -16.50
C ASN C 188 -18.31 0.77 -15.43
N VAL C 189 -17.30 1.07 -14.62
CA VAL C 189 -17.04 0.26 -13.44
C VAL C 189 -18.16 0.42 -12.39
N ALA C 190 -18.83 -0.69 -12.09
CA ALA C 190 -19.79 -0.81 -11.01
C ALA C 190 -19.14 -1.17 -9.65
N ALA C 191 -18.10 -2.01 -9.66
CA ALA C 191 -17.50 -2.54 -8.41
C ALA C 191 -16.05 -3.06 -8.56
N PHE C 192 -15.35 -3.08 -7.42
CA PHE C 192 -14.07 -3.74 -7.22
C PHE C 192 -14.22 -4.75 -6.10
N MET C 193 -13.91 -5.99 -6.43
CA MET C 193 -14.01 -7.14 -5.53
C MET C 193 -12.59 -7.55 -5.21
N VAL C 194 -12.31 -7.72 -3.92
CA VAL C 194 -10.96 -7.95 -3.44
C VAL C 194 -10.97 -8.66 -2.06
N GLU C 195 -10.03 -9.57 -1.90
CA GLU C 195 -9.79 -10.31 -0.66
C GLU C 195 -8.81 -9.47 0.16
N PRO C 196 -9.07 -9.18 1.45
CA PRO C 196 -8.14 -8.40 2.27
C PRO C 196 -6.75 -9.04 2.47
N ILE C 197 -6.69 -10.38 2.42
CA ILE C 197 -5.47 -11.16 2.26
C ILE C 197 -5.89 -12.22 1.27
N GLN C 198 -5.07 -12.45 0.24
CA GLN C 198 -5.36 -13.51 -0.73
C GLN C 198 -4.92 -14.86 -0.16
N GLY C 199 -5.90 -15.74 0.06
CA GLY C 199 -5.70 -17.03 0.71
C GLY C 199 -5.06 -17.99 -0.24
N GLU C 200 -5.79 -18.35 -1.30
CA GLU C 200 -5.39 -19.36 -2.27
C GLU C 200 -4.12 -18.97 -3.03
N ALA C 201 -3.89 -17.67 -3.22
CA ALA C 201 -2.68 -17.15 -3.89
C ALA C 201 -1.43 -17.36 -3.05
N GLY C 202 -1.61 -17.72 -1.78
CA GLY C 202 -0.53 -18.08 -0.88
C GLY C 202 -0.34 -17.10 0.27
N VAL C 203 -1.45 -16.71 0.89
CA VAL C 203 -1.51 -15.77 2.01
C VAL C 203 -0.72 -14.49 1.66
N VAL C 204 -1.15 -13.84 0.58
CA VAL C 204 -0.54 -12.60 0.08
C VAL C 204 -1.16 -11.47 0.87
N VAL C 205 -0.34 -10.87 1.75
CA VAL C 205 -0.76 -9.79 2.63
C VAL C 205 -0.38 -8.46 1.96
N PRO C 206 -1.36 -7.57 1.68
CA PRO C 206 -1.06 -6.28 1.07
C PRO C 206 -0.38 -5.33 2.07
N ASP C 207 0.18 -4.24 1.55
CA ASP C 207 0.93 -3.26 2.33
C ASP C 207 -0.04 -2.52 3.24
N PRO C 208 0.39 -2.07 4.44
CA PRO C 208 -0.45 -1.23 5.28
C PRO C 208 -0.94 -0.01 4.47
N GLY C 209 -2.20 0.38 4.66
CA GLY C 209 -2.83 1.48 3.94
C GLY C 209 -3.55 1.08 2.66
N TYR C 210 -3.33 -0.16 2.20
CA TYR C 210 -3.97 -0.66 0.93
C TYR C 210 -5.49 -0.55 1.05
N LEU C 211 -6.06 -1.06 2.15
CA LEU C 211 -7.51 -1.11 2.31
C LEU C 211 -8.15 0.26 2.48
N MET C 212 -7.52 1.17 3.23
CA MET C 212 -8.05 2.54 3.28
C MET C 212 -7.98 3.23 1.91
N GLY C 213 -6.90 3.01 1.17
CA GLY C 213 -6.80 3.49 -0.20
C GLY C 213 -7.84 2.96 -1.18
N VAL C 214 -8.15 1.67 -1.07
CA VAL C 214 -9.20 1.04 -1.84
C VAL C 214 -10.55 1.73 -1.51
N ARG C 215 -10.83 1.91 -0.21
CA ARG C 215 -12.10 2.53 0.26
C ARG C 215 -12.22 3.96 -0.29
N GLU C 216 -11.12 4.73 -0.23
CA GLU C 216 -11.08 6.13 -0.63
C GLU C 216 -11.38 6.25 -2.13
N LEU C 217 -10.73 5.39 -2.93
CA LEU C 217 -10.88 5.41 -4.38
C LEU C 217 -12.26 5.00 -4.87
N CYS C 218 -12.81 3.96 -4.25
CA CYS C 218 -14.15 3.45 -4.55
C CYS C 218 -15.22 4.54 -4.27
N THR C 219 -15.14 5.20 -3.11
CA THR C 219 -16.04 6.29 -2.74
C THR C 219 -15.92 7.46 -3.75
N ARG C 220 -14.68 7.89 -4.06
CA ARG C 220 -14.36 9.01 -4.99
C ARG C 220 -15.00 8.74 -6.36
N HIS C 221 -14.87 7.52 -6.90
CA HIS C 221 -15.33 7.21 -8.25
C HIS C 221 -16.71 6.55 -8.37
N GLN C 222 -17.45 6.51 -7.26
CA GLN C 222 -18.83 5.93 -7.18
C GLN C 222 -18.85 4.45 -7.64
N VAL C 223 -17.98 3.66 -7.01
CA VAL C 223 -17.76 2.25 -7.32
C VAL C 223 -17.95 1.50 -6.00
N LEU C 224 -18.60 0.33 -6.06
CA LEU C 224 -18.78 -0.53 -4.88
C LEU C 224 -17.52 -1.29 -4.50
N PHE C 225 -17.14 -1.20 -3.23
CA PHE C 225 -16.06 -1.98 -2.63
C PHE C 225 -16.65 -3.27 -2.06
N ILE C 226 -16.36 -4.41 -2.72
CA ILE C 226 -16.80 -5.71 -2.33
C ILE C 226 -15.56 -6.39 -1.69
N ALA C 227 -15.67 -6.65 -0.41
CA ALA C 227 -14.68 -7.40 0.35
C ALA C 227 -15.10 -8.85 0.46
N ASP C 228 -14.31 -9.74 -0.13
CA ASP C 228 -14.49 -11.17 0.00
C ASP C 228 -13.78 -11.64 1.30
N GLU C 229 -14.56 -11.85 2.37
CA GLU C 229 -14.05 -12.32 3.68
C GLU C 229 -14.47 -13.72 3.99
N ILE C 230 -14.65 -14.50 2.92
CA ILE C 230 -15.09 -15.87 3.02
C ILE C 230 -14.08 -16.71 3.78
N GLN C 231 -12.79 -16.45 3.56
CA GLN C 231 -11.69 -17.12 4.27
C GLN C 231 -11.07 -16.25 5.35
N THR C 232 -11.00 -14.94 5.10
CA THR C 232 -10.33 -14.05 6.07
C THR C 232 -11.18 -13.62 7.26
N GLY C 233 -12.50 -13.70 7.12
CA GLY C 233 -13.43 -13.26 8.14
C GLY C 233 -13.50 -14.16 9.37
N LEU C 234 -14.36 -13.77 10.32
CA LEU C 234 -14.75 -14.63 11.42
C LEU C 234 -13.52 -15.12 12.23
N ALA C 235 -12.72 -14.16 12.68
CA ALA C 235 -11.67 -14.31 13.66
C ALA C 235 -10.32 -14.86 13.20
N ARG C 236 -10.27 -15.43 12.00
CA ARG C 236 -9.07 -16.14 11.45
C ARG C 236 -7.83 -15.23 11.50
N THR C 237 -7.98 -13.95 11.08
CA THR C 237 -6.85 -13.01 11.06
C THR C 237 -6.66 -12.23 12.35
N GLY C 238 -7.52 -12.47 13.34
CA GLY C 238 -7.50 -11.82 14.62
C GLY C 238 -8.52 -10.69 14.82
N ARG C 239 -9.45 -10.52 13.86
CA ARG C 239 -10.59 -9.57 13.99
C ARG C 239 -11.87 -10.22 13.43
N TRP C 240 -13.03 -9.63 13.73
CA TRP C 240 -14.28 -10.07 13.08
C TRP C 240 -14.17 -10.12 11.57
N LEU C 241 -13.60 -9.06 11.00
CA LEU C 241 -13.28 -8.97 9.57
C LEU C 241 -11.85 -8.44 9.42
N ALA C 242 -11.11 -8.98 8.45
CA ALA C 242 -9.76 -8.54 8.13
C ALA C 242 -9.71 -7.07 7.76
N VAL C 243 -10.78 -6.54 7.13
CA VAL C 243 -10.87 -5.09 6.87
C VAL C 243 -10.89 -4.23 8.17
N ASP C 244 -11.20 -4.84 9.33
CA ASP C 244 -11.17 -4.15 10.64
C ASP C 244 -9.80 -3.60 11.01
N TYR C 245 -8.72 -4.24 10.54
CA TYR C 245 -7.32 -3.83 10.79
C TYR C 245 -7.11 -2.37 10.34
N GLU C 246 -7.85 -1.92 9.33
CA GLU C 246 -7.75 -0.51 8.89
C GLU C 246 -9.02 0.28 9.03
N ASN C 247 -9.98 -0.25 9.79
CA ASN C 247 -11.28 0.35 10.11
C ASN C 247 -11.99 0.87 8.90
N VAL C 248 -12.10 0.03 7.86
CA VAL C 248 -12.78 0.47 6.64
C VAL C 248 -13.99 -0.39 6.43
N ARG C 249 -15.03 0.24 5.90
CA ARG C 249 -16.39 -0.34 5.77
C ARG C 249 -16.65 -0.61 4.29
N PRO C 250 -16.59 -1.88 3.83
CA PRO C 250 -16.94 -2.17 2.44
C PRO C 250 -18.43 -1.91 2.18
N ASP C 251 -18.80 -1.71 0.91
CA ASP C 251 -20.18 -1.63 0.48
C ASP C 251 -20.88 -3.01 0.58
N ILE C 252 -20.16 -4.08 0.20
CA ILE C 252 -20.68 -5.46 0.26
C ILE C 252 -19.62 -6.35 0.93
N VAL C 253 -20.05 -7.13 1.92
CA VAL C 253 -19.17 -8.06 2.62
C VAL C 253 -19.67 -9.50 2.35
N LEU C 254 -18.75 -10.35 1.89
CA LEU C 254 -19.02 -11.78 1.68
C LEU C 254 -18.47 -12.61 2.84
N LEU C 255 -19.31 -13.51 3.39
CA LEU C 255 -18.91 -14.43 4.47
C LEU C 255 -19.33 -15.84 4.09
N GLY C 256 -18.57 -16.84 4.55
CA GLY C 256 -18.88 -18.23 4.31
C GLY C 256 -18.04 -19.08 5.25
N LYS C 257 -17.68 -20.28 4.82
CA LYS C 257 -16.77 -21.18 5.53
C LYS C 257 -17.11 -21.35 7.01
N ALA C 258 -16.37 -20.67 7.88
CA ALA C 258 -16.52 -20.75 9.34
C ALA C 258 -17.87 -20.23 9.86
N LEU C 259 -18.63 -19.58 8.98
CA LEU C 259 -19.99 -19.17 9.29
C LEU C 259 -20.87 -20.33 9.83
N SER C 260 -20.51 -21.59 9.52
CA SER C 260 -21.19 -22.76 10.06
C SER C 260 -20.33 -23.66 10.97
N GLY C 261 -19.07 -23.29 11.21
CA GLY C 261 -18.10 -24.16 11.86
C GLY C 261 -17.90 -25.51 11.15
N GLY C 262 -18.13 -25.53 9.84
CA GLY C 262 -17.97 -26.77 9.06
C GLY C 262 -19.10 -27.75 9.12
N LEU C 263 -20.20 -27.37 9.79
CA LEU C 263 -21.31 -28.31 9.95
C LEU C 263 -22.33 -28.29 8.82
N TYR C 264 -22.32 -27.24 8.00
CA TYR C 264 -23.35 -27.00 6.94
C TYR C 264 -22.87 -25.91 5.98
N PRO C 265 -23.05 -26.03 4.65
CA PRO C 265 -22.66 -24.97 3.71
C PRO C 265 -23.58 -23.75 3.88
N VAL C 266 -23.10 -22.75 4.61
CA VAL C 266 -23.80 -21.48 4.76
C VAL C 266 -22.89 -20.32 4.29
N SER C 267 -23.45 -19.41 3.51
CA SER C 267 -22.77 -18.18 3.11
C SER C 267 -23.73 -17.01 3.17
N ALA C 268 -23.19 -15.79 3.15
CA ALA C 268 -23.98 -14.57 3.40
C ALA C 268 -23.42 -13.39 2.64
N VAL C 269 -24.32 -12.54 2.13
CA VAL C 269 -23.96 -11.33 1.45
C VAL C 269 -24.56 -10.18 2.29
N LEU C 270 -23.69 -9.32 2.82
CA LEU C 270 -24.12 -8.18 3.64
C LEU C 270 -23.95 -6.86 2.89
N CYS C 271 -25.00 -6.03 2.89
CA CYS C 271 -25.00 -4.67 2.38
C CYS C 271 -26.21 -3.91 2.85
N ASP C 272 -26.15 -2.58 2.68
CA ASP C 272 -27.24 -1.67 3.06
C ASP C 272 -28.35 -1.67 2.04
N ASP C 273 -29.47 -1.02 2.40
CA ASP C 273 -30.71 -1.05 1.61
C ASP C 273 -30.53 -0.53 0.18
N ASP C 274 -29.78 0.56 0.00
CA ASP C 274 -29.60 1.18 -1.32
C ASP C 274 -28.99 0.24 -2.38
N ILE C 275 -28.24 -0.76 -1.93
CA ILE C 275 -27.69 -1.80 -2.78
C ILE C 275 -28.60 -3.04 -2.75
N MET C 276 -28.94 -3.51 -1.55
CA MET C 276 -29.63 -4.79 -1.43
C MET C 276 -30.96 -4.82 -2.18
N LEU C 277 -31.72 -3.73 -2.07
CA LEU C 277 -33.06 -3.69 -2.60
C LEU C 277 -33.16 -3.41 -4.13
N THR C 278 -32.02 -3.33 -4.82
CA THR C 278 -32.02 -3.28 -6.30
C THR C 278 -32.54 -4.60 -6.89
N ILE C 279 -32.41 -5.70 -6.12
CA ILE C 279 -32.95 -7.00 -6.53
C ILE C 279 -34.36 -7.18 -5.96
N LYS C 280 -35.33 -7.33 -6.86
CA LYS C 280 -36.74 -7.41 -6.54
C LYS C 280 -37.17 -8.86 -6.34
N PRO C 281 -38.37 -9.12 -5.77
CA PRO C 281 -38.84 -10.49 -5.55
C PRO C 281 -38.85 -11.31 -6.85
N GLY C 282 -38.33 -12.54 -6.79
CA GLY C 282 -38.34 -13.41 -7.95
C GLY C 282 -37.13 -13.32 -8.86
N GLU C 283 -36.18 -12.43 -8.54
CA GLU C 283 -35.00 -12.15 -9.35
C GLU C 283 -33.69 -12.77 -8.85
N HIS C 284 -33.71 -13.43 -7.69
CA HIS C 284 -32.52 -14.11 -7.18
C HIS C 284 -32.84 -15.01 -6.00
N GLY C 285 -32.09 -16.10 -5.88
CA GLY C 285 -32.16 -16.97 -4.73
C GLY C 285 -31.51 -18.31 -4.93
N SER C 286 -32.02 -19.32 -4.21
CA SER C 286 -31.39 -20.63 -4.06
C SER C 286 -32.37 -21.55 -3.32
N THR C 287 -32.39 -22.84 -3.67
CA THR C 287 -33.28 -23.79 -2.99
C THR C 287 -33.04 -23.81 -1.45
N TYR C 288 -31.78 -24.03 -1.07
CA TYR C 288 -31.33 -24.24 0.34
C TYR C 288 -30.96 -22.92 1.04
N GLY C 289 -30.89 -21.81 0.31
CA GLY C 289 -30.51 -20.53 0.92
C GLY C 289 -31.46 -20.09 2.00
N GLY C 290 -30.97 -19.97 3.23
CA GLY C 290 -31.77 -19.52 4.36
C GLY C 290 -32.65 -20.58 5.01
N ASN C 291 -32.37 -21.85 4.74
CA ASN C 291 -33.08 -22.98 5.34
C ASN C 291 -32.87 -22.97 6.85
N PRO C 292 -33.86 -23.47 7.64
CA PRO C 292 -33.80 -23.34 9.10
C PRO C 292 -32.61 -24.05 9.75
N LEU C 293 -32.15 -25.18 9.18
CA LEU C 293 -31.05 -25.94 9.77
C LEU C 293 -29.71 -25.19 9.70
N GLY C 294 -29.35 -24.73 8.50
CA GLY C 294 -28.20 -23.87 8.28
C GLY C 294 -28.17 -22.65 9.21
N CYS C 295 -29.33 -21.98 9.33
CA CYS C 295 -29.48 -20.80 10.19
C CYS C 295 -29.21 -21.05 11.67
N ARG C 296 -29.76 -22.15 12.22
CA ARG C 296 -29.52 -22.56 13.63
C ARG C 296 -28.01 -22.80 13.84
N VAL C 297 -27.37 -23.47 12.87
CA VAL C 297 -25.95 -23.76 12.93
C VAL C 297 -25.13 -22.47 12.88
N ALA C 298 -25.48 -21.57 11.96
CA ALA C 298 -24.79 -20.29 11.77
C ALA C 298 -24.83 -19.41 13.02
N ILE C 299 -26.01 -19.28 13.65
CA ILE C 299 -26.14 -18.55 14.91
C ILE C 299 -25.15 -19.08 15.96
N ALA C 300 -25.16 -20.42 16.16
CA ALA C 300 -24.30 -21.07 17.14
C ALA C 300 -22.82 -20.88 16.82
N ALA C 301 -22.45 -20.97 15.53
CA ALA C 301 -21.07 -20.77 15.04
C ALA C 301 -20.52 -19.36 15.34
N LEU C 302 -21.36 -18.35 15.11
CA LEU C 302 -20.98 -16.98 15.43
C LEU C 302 -20.88 -16.77 16.94
N GLU C 303 -21.83 -17.32 17.69
CA GLU C 303 -21.84 -17.24 19.16
C GLU C 303 -20.53 -17.80 19.77
N VAL C 304 -20.09 -18.94 19.25
CA VAL C 304 -18.80 -19.52 19.63
C VAL C 304 -17.64 -18.52 19.45
N LEU C 305 -17.48 -18.00 18.23
CA LEU C 305 -16.41 -17.04 17.93
C LEU C 305 -16.37 -15.89 18.92
N GLU C 306 -17.55 -15.35 19.25
CA GLU C 306 -17.69 -14.25 20.18
C GLU C 306 -17.42 -14.67 21.65
N GLU C 307 -18.12 -15.71 22.10
CA GLU C 307 -18.06 -16.22 23.46
C GLU C 307 -16.66 -16.61 23.90
N GLU C 308 -15.91 -17.26 23.00
CA GLU C 308 -14.60 -17.81 23.31
C GLU C 308 -13.43 -16.87 22.93
N ASN C 309 -13.76 -15.66 22.44
CA ASN C 309 -12.79 -14.64 22.10
C ASN C 309 -11.67 -15.20 21.21
N LEU C 310 -12.06 -15.95 20.16
CA LEU C 310 -11.09 -16.59 19.31
C LEU C 310 -10.27 -15.60 18.48
N ALA C 311 -10.88 -14.47 18.09
CA ALA C 311 -10.15 -13.38 17.42
C ALA C 311 -8.91 -12.93 18.21
N GLU C 312 -9.11 -12.61 19.50
CA GLU C 312 -8.00 -12.23 20.39
C GLU C 312 -6.94 -13.36 20.44
N ASN C 313 -7.40 -14.60 20.57
CA ASN C 313 -6.51 -15.75 20.58
C ASN C 313 -5.70 -15.89 19.29
N ALA C 314 -6.37 -15.75 18.14
CA ALA C 314 -5.68 -15.81 16.85
C ALA C 314 -4.61 -14.75 16.71
N ASP C 315 -4.90 -13.54 17.19
CA ASP C 315 -3.95 -12.43 17.12
C ASP C 315 -2.71 -12.75 17.98
N LYS C 316 -2.94 -13.18 19.22
CA LYS C 316 -1.85 -13.43 20.18
C LYS C 316 -0.93 -14.56 19.72
N LEU C 317 -1.55 -15.69 19.36
CA LEU C 317 -0.80 -16.89 18.94
C LEU C 317 -0.19 -16.79 17.54
N GLY C 318 -0.83 -16.02 16.67
CA GLY C 318 -0.30 -15.69 15.34
C GLY C 318 1.12 -15.15 15.35
N ILE C 319 1.33 -14.13 16.19
CA ILE C 319 2.61 -13.48 16.29
C ILE C 319 3.67 -14.45 16.80
N ILE C 320 3.33 -15.28 17.79
CA ILE C 320 4.21 -16.34 18.29
C ILE C 320 4.59 -17.29 17.15
N LEU C 321 3.61 -17.76 16.37
CA LEU C 321 3.89 -18.69 15.27
C LEU C 321 4.87 -18.05 14.25
N ARG C 322 4.60 -16.82 13.81
CA ARG C 322 5.42 -16.12 12.79
C ARG C 322 6.84 -15.88 13.32
N ASN C 323 6.96 -15.40 14.57
CA ASN C 323 8.27 -15.13 15.14
C ASN C 323 9.16 -16.38 15.20
N GLU C 324 8.56 -17.53 15.52
CA GLU C 324 9.28 -18.78 15.60
C GLU C 324 9.66 -19.30 14.22
N LEU C 325 8.75 -19.16 13.26
CA LEU C 325 9.02 -19.55 11.87
C LEU C 325 10.18 -18.73 11.28
N MET C 326 10.28 -17.46 11.68
CA MET C 326 11.35 -16.59 11.17
C MET C 326 12.76 -16.97 11.65
N LYS C 327 12.85 -17.83 12.68
CA LYS C 327 14.13 -18.30 13.19
C LYS C 327 14.74 -19.43 12.33
N LEU C 328 13.96 -19.97 11.41
CA LEU C 328 14.45 -21.03 10.51
C LEU C 328 15.44 -20.43 9.52
N PRO C 329 16.49 -21.18 9.09
CA PRO C 329 17.52 -20.62 8.22
C PRO C 329 16.94 -20.04 6.92
N SER C 330 17.46 -18.90 6.47
CA SER C 330 16.96 -18.19 5.29
C SER C 330 17.18 -18.94 3.97
N ASP C 331 18.12 -19.89 3.97
CA ASP C 331 18.14 -20.99 3.01
C ASP C 331 17.21 -21.94 3.72
N VAL C 332 16.36 -22.62 2.98
CA VAL C 332 15.27 -23.45 3.48
C VAL C 332 13.94 -22.70 3.51
N VAL C 333 13.83 -21.64 4.32
CA VAL C 333 12.62 -20.81 4.37
C VAL C 333 12.98 -19.38 3.93
N THR C 334 12.39 -18.94 2.82
CA THR C 334 12.74 -17.66 2.19
C THR C 334 11.83 -16.50 2.63
N ALA C 335 10.66 -16.83 3.16
CA ALA C 335 9.71 -15.84 3.64
C ALA C 335 8.69 -16.45 4.60
N VAL C 336 8.22 -15.64 5.55
CA VAL C 336 7.14 -15.97 6.47
C VAL C 336 6.18 -14.80 6.39
N ARG C 337 4.87 -15.07 6.25
CA ARG C 337 3.85 -13.99 6.22
C ARG C 337 2.53 -14.43 6.87
N GLY C 338 1.70 -13.45 7.23
CA GLY C 338 0.34 -13.72 7.63
C GLY C 338 -0.20 -12.70 8.59
N LYS C 339 -1.47 -12.89 8.99
CA LYS C 339 -2.09 -12.09 10.04
C LYS C 339 -2.87 -13.06 10.86
N GLY C 340 -2.84 -12.88 12.18
CA GLY C 340 -3.51 -13.81 13.08
C GLY C 340 -3.03 -15.22 12.79
N LEU C 341 -3.97 -16.15 12.63
CA LEU C 341 -3.65 -17.55 12.37
C LEU C 341 -3.82 -17.97 10.92
N LEU C 342 -3.81 -16.97 10.02
CA LEU C 342 -3.68 -17.22 8.59
C LEU C 342 -2.25 -16.86 8.22
N ASN C 343 -1.43 -17.89 8.01
CA ASN C 343 -0.01 -17.76 7.80
C ASN C 343 0.48 -18.74 6.76
N ALA C 344 1.66 -18.46 6.20
CA ALA C 344 2.35 -19.33 5.27
C ALA C 344 3.86 -19.12 5.31
N ILE C 345 4.61 -20.14 4.87
CA ILE C 345 6.04 -20.03 4.62
C ILE C 345 6.31 -20.32 3.16
N VAL C 346 7.38 -19.71 2.64
CA VAL C 346 7.86 -19.97 1.30
C VAL C 346 9.20 -20.69 1.42
N ILE C 347 9.29 -21.84 0.75
CA ILE C 347 10.43 -22.74 0.76
C ILE C 347 11.36 -22.47 -0.41
N LYS C 348 12.66 -22.63 -0.17
CA LYS C 348 13.70 -22.55 -1.19
C LYS C 348 13.70 -23.86 -1.97
N GLU C 349 12.70 -24.02 -2.84
CA GLU C 349 12.54 -25.20 -3.64
C GLU C 349 13.72 -25.39 -4.58
N THR C 350 14.30 -26.59 -4.56
CA THR C 350 15.23 -27.04 -5.56
C THR C 350 14.47 -28.15 -6.28
N LYS C 351 15.17 -28.89 -7.16
CA LYS C 351 14.64 -30.11 -7.74
C LYS C 351 14.74 -31.29 -6.78
N ASP C 352 15.65 -31.20 -5.81
CA ASP C 352 15.78 -32.17 -4.71
C ASP C 352 14.56 -32.18 -3.76
N TRP C 353 13.97 -31.00 -3.51
CA TRP C 353 13.04 -30.85 -2.40
C TRP C 353 12.08 -29.66 -2.58
N ASP C 354 10.83 -29.82 -2.12
CA ASP C 354 9.72 -28.94 -2.41
C ASP C 354 8.66 -28.99 -1.31
N ALA C 355 7.63 -28.16 -1.44
CA ALA C 355 6.58 -28.03 -0.44
C ALA C 355 5.79 -29.33 -0.22
N TRP C 356 5.56 -30.06 -1.32
CA TRP C 356 4.87 -31.35 -1.25
C TRP C 356 5.64 -32.36 -0.35
N LYS C 357 6.94 -32.50 -0.61
CA LYS C 357 7.82 -33.35 0.20
C LYS C 357 7.84 -32.95 1.68
N VAL C 358 7.83 -31.64 1.95
CA VAL C 358 7.80 -31.15 3.31
C VAL C 358 6.49 -31.58 3.98
N CYS C 359 5.36 -31.39 3.26
CA CYS C 359 4.06 -31.75 3.81
C CYS C 359 3.85 -33.27 4.03
N LEU C 360 4.51 -34.08 3.21
CA LEU C 360 4.51 -35.53 3.40
C LEU C 360 5.19 -35.90 4.75
N ARG C 361 6.32 -35.26 5.05
CA ARG C 361 7.10 -35.54 6.28
C ARG C 361 6.41 -34.91 7.50
N LEU C 362 5.77 -33.75 7.32
CA LEU C 362 4.99 -33.13 8.40
C LEU C 362 3.89 -34.09 8.87
N ARG C 363 3.18 -34.67 7.90
CA ARG C 363 2.15 -35.75 8.10
C ARG C 363 2.76 -36.91 8.90
N ASP C 364 3.95 -37.39 8.48
CA ASP C 364 4.66 -38.48 9.16
C ASP C 364 5.00 -38.13 10.60
N ASN C 365 5.23 -36.85 10.86
CA ASN C 365 5.54 -36.33 12.18
C ASN C 365 4.35 -35.75 12.93
N GLY C 366 3.13 -36.02 12.43
CA GLY C 366 1.90 -35.72 13.12
C GLY C 366 1.25 -34.35 12.92
N LEU C 367 1.50 -33.71 11.77
CA LEU C 367 0.93 -32.39 11.46
C LEU C 367 0.49 -32.30 10.00
N LEU C 368 -0.76 -31.88 9.78
CA LEU C 368 -1.39 -31.83 8.45
C LEU C 368 -1.48 -30.40 7.90
N ALA C 369 -0.76 -30.15 6.81
CA ALA C 369 -0.73 -28.88 6.10
C ALA C 369 -0.80 -29.22 4.61
N LYS C 370 -1.19 -28.25 3.76
CA LYS C 370 -1.15 -28.50 2.32
C LYS C 370 -0.41 -27.37 1.61
N PRO C 371 0.45 -27.69 0.62
CA PRO C 371 1.11 -26.66 -0.17
C PRO C 371 0.12 -26.05 -1.17
N THR C 372 0.38 -24.80 -1.60
CA THR C 372 -0.49 -24.13 -2.57
C THR C 372 0.21 -23.68 -3.82
N HIS C 373 1.51 -23.97 -3.96
CA HIS C 373 2.23 -23.76 -5.22
C HIS C 373 3.55 -24.54 -5.40
N GLY C 374 3.85 -25.48 -4.50
CA GLY C 374 5.09 -26.24 -4.57
C GLY C 374 6.27 -25.57 -3.87
N ASP C 375 6.17 -24.25 -3.62
CA ASP C 375 7.06 -23.56 -2.68
C ASP C 375 6.37 -22.91 -1.46
N ILE C 376 5.03 -22.87 -1.44
CA ILE C 376 4.27 -22.25 -0.35
C ILE C 376 3.57 -23.31 0.46
N ILE C 377 3.70 -23.21 1.80
CA ILE C 377 3.00 -24.07 2.73
C ILE C 377 2.21 -23.19 3.69
N ARG C 378 0.90 -23.45 3.75
CA ARG C 378 -0.05 -22.72 4.62
C ARG C 378 -0.02 -23.32 6.03
N PHE C 379 -0.08 -22.47 7.05
CA PHE C 379 -0.15 -22.89 8.43
C PHE C 379 -1.31 -22.15 9.06
N ALA C 380 -2.40 -22.88 9.32
CA ALA C 380 -3.68 -22.30 9.67
C ALA C 380 -4.47 -23.28 10.54
N PRO C 381 -4.10 -23.40 11.84
CA PRO C 381 -4.80 -24.29 12.77
C PRO C 381 -6.10 -23.67 13.24
N PRO C 382 -7.04 -24.46 13.78
CA PRO C 382 -8.26 -23.90 14.39
C PRO C 382 -7.92 -22.91 15.50
N LEU C 383 -8.80 -21.93 15.71
CA LEU C 383 -8.53 -20.77 16.56
C LEU C 383 -8.64 -21.10 18.06
N VAL C 384 -9.20 -22.27 18.35
CA VAL C 384 -9.23 -22.90 19.69
C VAL C 384 -7.90 -23.50 20.20
N ILE C 385 -6.88 -23.52 19.35
CA ILE C 385 -5.55 -23.97 19.75
C ILE C 385 -5.00 -23.12 20.90
N LYS C 386 -4.30 -23.77 21.84
CA LYS C 386 -3.68 -23.13 23.02
C LYS C 386 -2.19 -22.99 22.76
N GLU C 387 -1.54 -22.13 23.55
CA GLU C 387 -0.13 -21.85 23.36
C GLU C 387 0.77 -23.09 23.43
N ASP C 388 0.56 -23.96 24.42
CA ASP C 388 1.37 -25.18 24.56
C ASP C 388 1.18 -26.11 23.36
N GLU C 389 -0.07 -26.18 22.87
CA GLU C 389 -0.38 -26.92 21.64
C GLU C 389 0.30 -26.30 20.44
N LEU C 390 0.33 -24.96 20.39
CA LEU C 390 0.99 -24.27 19.33
C LEU C 390 2.48 -24.52 19.34
N ARG C 391 3.10 -24.45 20.54
CA ARG C 391 4.56 -24.65 20.66
C ARG C 391 4.91 -26.10 20.32
N GLU C 392 4.08 -27.08 20.73
CA GLU C 392 4.27 -28.47 20.34
C GLU C 392 4.28 -28.62 18.81
N SER C 393 3.33 -27.96 18.15
CA SER C 393 3.24 -27.91 16.67
C SER C 393 4.49 -27.33 16.02
N ILE C 394 4.97 -26.21 16.59
CA ILE C 394 6.17 -25.53 16.12
C ILE C 394 7.37 -26.46 16.22
N GLU C 395 7.42 -27.25 17.30
CA GLU C 395 8.47 -28.24 17.46
C GLU C 395 8.42 -29.25 16.30
N ILE C 396 7.21 -29.70 15.95
CA ILE C 396 7.02 -30.62 14.81
C ILE C 396 7.53 -30.00 13.51
N ILE C 397 7.14 -28.74 13.26
CA ILE C 397 7.51 -28.01 12.06
C ILE C 397 9.02 -27.86 11.95
N ASN C 398 9.67 -27.43 13.04
CA ASN C 398 11.14 -27.27 13.10
C ASN C 398 11.88 -28.57 12.84
N LYS C 399 11.46 -29.63 13.54
CA LYS C 399 12.05 -30.96 13.39
C LYS C 399 11.99 -31.39 11.92
N THR C 400 10.82 -31.19 11.31
CA THR C 400 10.57 -31.62 9.94
C THR C 400 11.41 -30.87 8.90
N ILE C 401 11.35 -29.52 8.95
CA ILE C 401 12.08 -28.66 8.02
C ILE C 401 13.58 -28.92 8.11
N LEU C 402 14.11 -28.97 9.35
CA LEU C 402 15.53 -29.17 9.57
C LEU C 402 16.01 -30.64 9.37
N SER C 403 15.07 -31.57 9.14
CA SER C 403 15.41 -32.97 8.94
C SER C 403 15.75 -33.34 7.49
N PHE C 404 15.53 -32.39 6.57
CA PHE C 404 15.87 -32.55 5.16
C PHE C 404 17.37 -32.33 4.93
C01 I1T D . 15.00 3.53 -21.64
C06 I1T D . 15.48 2.12 -21.73
C11 I1T D . 13.66 -0.64 -24.63
C15 I1T D . 12.54 1.30 -25.74
C16 I1T D . 13.59 0.72 -24.77
C17 I1T D . 12.40 2.86 -25.95
C19 I1T D . 12.85 -3.06 -25.27
C20 I1T D . 16.15 0.32 -19.84
C03 I1T D . 15.80 5.68 -20.26
C08 I1T D . 16.11 1.78 -20.39
C12 I1T D . 12.73 -1.55 -25.45
C14 I1T D . 11.77 0.47 -26.44
O21 I1T D . 15.46 -0.52 -20.31
C02 I1T D . 15.79 4.15 -20.51
C09 I1T D . 14.51 1.65 -23.98
C10 I1T D . 15.96 3.04 -19.51
N07 I1T D . 14.91 1.06 -22.67
N13 I1T D . 11.83 -1.01 -26.29
O04 I1T D . 14.91 6.38 -20.81
O05 I1T D . 16.71 6.19 -19.57
O18 I1T D . 14.58 -1.25 -23.74
O22 I1T D . 13.60 3.29 -26.50
O24 I1T D . 15.09 5.12 -27.51
O25 I1T D . 12.70 5.68 -26.84
O26 I1T D . 14.44 5.30 -25.10
P23 I1T D . 13.98 4.91 -26.49
C01 I1T E . -0.45 24.24 28.60
C06 I1T E . -0.31 23.73 27.20
C11 I1T E . -1.75 19.81 26.11
C15 I1T E . -2.64 19.37 28.41
C16 I1T E . -2.03 20.30 27.34
C17 I1T E . -2.98 19.85 29.86
C19 I1T E . -1.70 17.81 24.40
C20 I1T E . 1.54 24.09 25.19
C03 I1T E . 0.87 25.85 30.22
C08 I1T E . 0.82 24.50 26.53
C12 I1T E . -2.02 18.34 25.80
C14 I1T E . -2.88 18.06 28.08
O21 I1T E . 1.10 23.21 24.49
C02 I1T E . 0.80 25.03 28.92
C09 I1T E . -1.76 21.76 27.71
C10 I1T E . 1.39 25.46 27.58
N07 I1T E . -0.78 22.35 26.77
N13 I1T E . -2.55 17.55 26.74
O04 I1T E . 1.30 27.02 30.16
O05 I1T E . 0.48 25.34 31.30
O18 I1T E . -1.16 20.60 25.06
O22 I1T E . -3.98 20.83 29.84
O24 I1T E . -3.02 23.00 31.05
O25 I1T E . -5.52 22.48 30.88
O26 I1T E . -4.06 21.15 32.42
P23 I1T E . -4.09 21.91 31.13
C01 I1T F . -11.94 -23.73 -1.82
C06 I1T F . -11.03 -22.72 -1.21
C11 I1T F . -12.37 -18.67 -0.90
C15 I1T F . -14.45 -19.09 -2.14
C16 I1T F . -13.22 -19.60 -1.41
C17 I1T F . -15.47 -20.10 -2.75
C19 I1T F . -11.69 -16.17 -0.46
C20 I1T F . -8.24 -22.36 -1.27
C03 I1T F . -11.68 -25.82 -3.47
C08 I1T F . -9.60 -23.10 -1.59
C12 I1T F . -12.66 -17.17 -1.04
C14 I1T F . -14.69 -17.77 -2.24
O21 I1T F . -8.15 -21.49 -0.45
C02 I1T F . -11.09 -24.61 -2.71
C09 I1T F . -12.91 -21.09 -1.28
C10 I1T F . -9.68 -24.52 -2.15
N07 I1T F . -11.45 -21.27 -1.05
N13 I1T F . -13.77 -16.79 -1.69
O04 I1T F . -11.47 -26.98 -3.01
O05 I1T F . -12.37 -25.65 -4.52
O18 I1T F . -11.21 -19.09 -0.18
O22 I1T F . -15.97 -20.83 -1.67
O24 I1T F . -17.67 -22.50 -0.73
O25 I1T F . -17.58 -22.12 -3.25
O26 I1T F . -15.74 -23.37 -2.27
P23 I1T F . -16.75 -22.31 -1.97
#